data_3V62
#
_entry.id   3V62
#
_cell.length_a   196.817
_cell.length_b   62.256
_cell.length_c   139.247
_cell.angle_alpha   90.00
_cell.angle_beta   135.04
_cell.angle_gamma   90.00
#
_symmetry.space_group_name_H-M   'C 1 2 1'
#
loop_
_entity.id
_entity.type
_entity.pdbx_description
1 polymer 'Ubiquitin-like protein SMT3'
2 polymer 'Proliferating cell nuclear antigen'
3 polymer 'ATP-dependent DNA helicase SRS2'
4 non-polymer N-ETHYLMALEIMIDE
5 non-polymer 'SULFATE ION'
6 water water
#
loop_
_entity_poly.entity_id
_entity_poly.type
_entity_poly.pdbx_seq_one_letter_code
_entity_poly.pdbx_strand_id
1 'polypeptide(L)'
;GSHMRPETHINL(MLY)VSDGSSEIFF(MLY)I(MLY)(MLY)TTPLRRLMEAFA(MLY)RQG(MLY)EMDSLRFLYDGI
RIQADQTPEDLDMEDNDIIEAHREQIGG
;
A,D
2 'polypeptide(L)'
;MLEAKFEEASLFKRIIDGFKDCVQLVNFQCKEDGIIAQAVDDSRVLLVSLEIGVEAFQEYRCDHPVTLGMDLTSLSKILR
CGNNTDTLTLIADNTPDSIILLFEDTKKDRIAEYSLKLMDIDADFLGIEELQYDSTLSLPSSEFSKIVRDLSQLSDSINI
MITKETIKFVADGDIGSGSVIIKPFVDMEHPETSIKLEMDQPVDLTFGAKYLLDIIKGSSLSDRVGIRLSSEAPALFQFD
LKSGFLQFFLAPKFNDEE
;
B,E
3 'polypeptide(L)' SHNPDDTTVDNRPIISNAKFLADAAMKKTQKFSKKVKNEPASSQMDIFSQLSRAKKKSKLNNGEIIVID C,F
#
loop_
_chem_comp.id
_chem_comp.type
_chem_comp.name
_chem_comp.formula
NEQ non-polymer N-ETHYLMALEIMIDE 'C6 H7 N O2'
SO4 non-polymer 'SULFATE ION' 'O4 S -2'
#
# COMPACT_ATOMS: atom_id res chain seq x y z
N PRO A 6 25.32 17.56 32.99
CA PRO A 6 24.32 16.53 32.59
C PRO A 6 23.48 16.94 31.38
N GLU A 7 22.25 17.38 31.66
CA GLU A 7 21.34 17.88 30.63
C GLU A 7 21.82 19.19 30.01
N THR A 8 22.52 19.98 30.82
CA THR A 8 23.15 21.26 30.42
C THR A 8 23.61 21.34 28.94
N HIS A 9 24.83 20.87 28.67
CA HIS A 9 25.47 21.01 27.38
C HIS A 9 25.68 19.68 26.70
N ILE A 10 26.73 19.63 25.88
CA ILE A 10 27.23 18.42 25.22
C ILE A 10 28.60 18.73 24.63
N ASN A 11 29.43 17.69 24.48
CA ASN A 11 30.72 17.81 23.84
C ASN A 11 30.74 17.00 22.57
N LEU A 12 31.26 17.59 21.49
CA LEU A 12 31.31 16.90 20.21
C LEU A 12 32.63 17.07 19.52
N MLY A 13 33.00 16.04 18.77
CA MLY A 13 34.18 16.11 17.91
CB MLY A 13 35.07 14.89 18.13
CG MLY A 13 36.28 15.04 17.23
CD MLY A 13 37.36 14.02 17.52
CE MLY A 13 36.93 12.60 17.22
NZ MLY A 13 38.17 11.85 16.98
CH1 MLY A 13 37.93 10.73 16.06
CH2 MLY A 13 38.69 11.36 18.27
C MLY A 13 33.77 16.22 16.47
O MLY A 13 32.89 15.49 16.00
N VAL A 14 34.38 17.15 15.75
CA VAL A 14 34.29 17.17 14.29
C VAL A 14 35.64 16.77 13.72
N SER A 15 35.68 15.64 13.02
CA SER A 15 36.89 15.19 12.39
C SER A 15 36.75 15.24 10.88
N ASP A 16 37.71 15.86 10.21
CA ASP A 16 37.75 15.81 8.75
C ASP A 16 38.65 14.67 8.26
N GLY A 17 38.84 13.67 9.11
CA GLY A 17 39.70 12.54 8.81
C GLY A 17 41.16 12.85 9.06
N SER A 18 41.59 14.05 8.73
CA SER A 18 42.96 14.44 8.97
C SER A 18 43.10 15.09 10.34
N SER A 19 42.41 16.21 10.54
CA SER A 19 42.42 16.91 11.81
C SER A 19 41.13 16.76 12.61
N GLU A 20 41.13 17.25 13.85
CA GLU A 20 39.92 17.26 14.69
C GLU A 20 39.71 18.62 15.35
N ILE A 21 38.51 18.84 15.87
CA ILE A 21 38.24 19.93 16.80
C ILE A 21 37.20 19.48 17.80
N PHE A 22 37.40 19.83 19.07
CA PHE A 22 36.40 19.51 20.09
C PHE A 22 35.54 20.71 20.40
N PHE A 23 34.26 20.44 20.59
CA PHE A 23 33.27 21.47 20.70
C PHE A 23 32.38 21.23 21.88
N MLY A 24 32.06 22.32 22.56
CA MLY A 24 31.02 22.32 23.58
CB MLY A 24 31.66 22.76 24.90
CG MLY A 24 30.83 22.45 26.15
CD MLY A 24 31.41 23.24 27.33
CE MLY A 24 30.53 23.27 28.58
NZ MLY A 24 31.26 23.85 29.72
CH1 MLY A 24 31.25 22.91 30.87
CH2 MLY A 24 30.68 25.14 30.10
C MLY A 24 29.93 23.25 23.10
O MLY A 24 30.21 24.39 22.71
N ILE A 25 28.69 22.75 23.09
CA ILE A 25 27.49 23.57 22.84
C ILE A 25 26.25 23.09 23.61
N MLY A 26 25.30 24.01 23.84
CA MLY A 26 24.00 23.69 24.43
CB MLY A 26 23.22 25.00 24.58
CG MLY A 26 22.34 25.07 25.82
CD MLY A 26 21.60 26.42 25.88
CE MLY A 26 20.99 26.75 27.24
NZ MLY A 26 21.63 27.89 27.92
CH1 MLY A 26 20.90 28.24 29.15
CH2 MLY A 26 21.70 29.08 27.05
C MLY A 26 23.24 22.79 23.51
O MLY A 26 23.24 23.01 22.30
N MLY A 27 22.60 21.74 24.05
CA MLY A 27 21.88 20.74 23.23
CB MLY A 27 21.26 19.67 24.14
CG MLY A 27 22.01 18.34 24.15
CD MLY A 27 21.90 17.67 25.53
CE MLY A 27 22.28 16.20 25.47
NZ MLY A 27 22.10 15.54 26.78
CH1 MLY A 27 23.41 15.20 27.36
CH2 MLY A 27 21.29 14.31 26.61
C MLY A 27 20.82 21.30 22.31
O MLY A 27 20.31 20.63 21.41
N THR A 28 20.50 22.58 22.52
CA THR A 28 19.44 23.27 21.81
C THR A 28 19.94 24.24 20.74
N THR A 29 21.26 24.47 20.69
CA THR A 29 21.85 25.44 19.73
C THR A 29 21.90 24.91 18.28
N PRO A 30 21.55 25.77 17.30
CA PRO A 30 21.72 25.35 15.91
C PRO A 30 23.19 25.07 15.59
N LEU A 31 23.44 23.98 14.88
CA LEU A 31 24.78 23.54 14.53
C LEU A 31 25.51 24.42 13.50
N ARG A 32 24.76 25.29 12.84
CA ARG A 32 25.29 26.29 11.91
C ARG A 32 26.63 26.84 12.39
N ARG A 33 26.63 27.42 13.60
CA ARG A 33 27.83 28.01 14.18
C ARG A 33 28.97 27.01 14.24
N LEU A 34 28.70 25.87 14.85
CA LEU A 34 29.68 24.82 14.99
C LEU A 34 30.31 24.51 13.65
N MET A 35 29.45 24.31 12.65
CA MET A 35 29.90 24.02 11.29
C MET A 35 30.79 25.12 10.73
N GLU A 36 30.45 26.38 11.01
CA GLU A 36 31.20 27.52 10.53
C GLU A 36 32.54 27.60 11.23
N ALA A 37 32.49 27.48 12.55
CA ALA A 37 33.70 27.37 13.39
C ALA A 37 34.66 26.31 12.88
N PHE A 38 34.15 25.15 12.51
CA PHE A 38 35.02 24.13 11.96
C PHE A 38 35.56 24.51 10.59
N ALA A 39 34.76 25.21 9.80
CA ALA A 39 35.15 25.52 8.43
C ALA A 39 36.28 26.55 8.39
N MLY A 40 36.19 27.57 9.25
CA MLY A 40 37.14 28.67 9.23
CB MLY A 40 36.58 29.95 9.86
CG MLY A 40 36.38 29.86 11.36
CD MLY A 40 36.32 31.27 11.94
CE MLY A 40 34.90 31.71 12.28
NZ MLY A 40 34.92 32.97 13.04
CH1 MLY A 40 35.22 32.72 14.46
CH2 MLY A 40 33.61 33.61 12.89
C MLY A 40 38.46 28.24 9.80
O MLY A 40 39.51 28.51 9.22
N ARG A 41 38.39 27.50 10.91
CA ARG A 41 39.55 26.86 11.47
C ARG A 41 40.21 25.91 10.46
N GLN A 42 39.48 25.51 9.42
CA GLN A 42 40.05 24.71 8.31
C GLN A 42 40.55 25.57 7.17
N GLY A 43 40.06 26.80 7.10
CA GLY A 43 40.34 27.67 5.98
C GLY A 43 39.59 27.20 4.75
N MLY A 44 38.41 26.65 4.95
CA MLY A 44 37.55 26.20 3.85
CB MLY A 44 37.22 24.73 4.01
CG MLY A 44 38.16 23.83 3.22
CD MLY A 44 38.80 22.80 4.15
CE MLY A 44 38.84 21.38 3.55
NZ MLY A 44 39.60 20.50 4.45
CH1 MLY A 44 40.31 19.43 3.71
CH2 MLY A 44 38.72 19.90 5.48
C MLY A 44 36.30 27.03 3.81
O MLY A 44 35.94 27.70 4.79
N GLU A 45 35.63 27.01 2.65
CA GLU A 45 34.31 27.61 2.49
C GLU A 45 33.30 26.68 3.13
N MET A 46 32.36 27.26 3.88
CA MET A 46 31.35 26.46 4.57
C MET A 46 30.66 25.50 3.59
N ASP A 47 30.36 26.01 2.41
CA ASP A 47 29.62 25.26 1.41
C ASP A 47 30.49 24.30 0.62
N SER A 48 31.77 24.19 0.96
CA SER A 48 32.64 23.31 0.20
C SER A 48 32.75 21.95 0.87
N LEU A 49 32.12 21.82 2.03
CA LEU A 49 32.11 20.54 2.75
C LEU A 49 30.78 20.16 3.37
N ARG A 50 30.52 18.86 3.42
CA ARG A 50 29.34 18.33 4.07
C ARG A 50 29.62 17.59 5.37
N PHE A 51 28.82 17.88 6.39
CA PHE A 51 28.94 17.28 7.72
C PHE A 51 27.98 16.11 7.88
N LEU A 52 28.53 14.90 7.93
CA LEU A 52 27.72 13.71 8.13
C LEU A 52 27.64 13.33 9.59
N TYR A 53 26.49 12.78 9.96
CA TYR A 53 26.27 12.20 11.26
C TYR A 53 25.26 11.08 11.20
N ASP A 54 25.62 9.95 11.79
CA ASP A 54 24.80 8.75 11.76
C ASP A 54 24.32 8.40 10.36
N GLY A 55 25.05 8.89 9.37
CA GLY A 55 24.75 8.60 7.98
C GLY A 55 23.88 9.63 7.30
N ILE A 56 23.27 10.51 8.10
CA ILE A 56 22.47 11.61 7.58
C ILE A 56 23.39 12.81 7.31
N ARG A 57 22.89 13.79 6.58
CA ARG A 57 23.71 14.93 6.20
C ARG A 57 23.25 16.11 7.02
N ILE A 58 23.78 16.23 8.23
CA ILE A 58 23.51 17.35 9.14
C ILE A 58 23.15 18.64 8.40
N GLN A 59 22.11 19.30 8.88
CA GLN A 59 21.61 20.52 8.28
C GLN A 59 21.82 21.64 9.26
N ALA A 60 22.36 22.75 8.77
CA ALA A 60 22.71 23.92 9.59
C ALA A 60 21.60 24.34 10.57
N ASP A 61 20.37 24.16 10.14
CA ASP A 61 19.18 24.48 10.93
C ASP A 61 19.03 23.63 12.21
N GLN A 62 19.31 22.33 12.11
CA GLN A 62 19.03 21.39 13.22
C GLN A 62 20.00 21.48 14.40
N THR A 63 19.54 21.05 15.57
CA THR A 63 20.35 21.04 16.79
C THR A 63 20.68 19.60 17.22
N PRO A 64 21.72 19.42 18.07
CA PRO A 64 22.16 18.09 18.51
C PRO A 64 21.04 17.30 19.20
N GLU A 65 20.25 18.01 20.01
CA GLU A 65 19.14 17.42 20.74
C GLU A 65 18.27 16.57 19.84
N ASP A 66 17.64 17.20 18.86
CA ASP A 66 16.71 16.52 17.96
C ASP A 66 17.41 15.57 17.01
N LEU A 67 18.74 15.56 17.06
CA LEU A 67 19.52 14.61 16.29
C LEU A 67 19.90 13.37 17.10
N ASP A 68 19.50 13.33 18.37
CA ASP A 68 19.78 12.19 19.26
C ASP A 68 21.27 12.12 19.58
N MET A 69 21.87 13.27 19.84
CA MET A 69 23.31 13.33 20.02
C MET A 69 23.74 13.04 21.45
N GLU A 70 24.52 11.98 21.61
CA GLU A 70 25.11 11.62 22.89
C GLU A 70 26.50 12.23 23.03
N ASP A 71 26.89 12.51 24.27
CA ASP A 71 28.18 13.14 24.59
C ASP A 71 29.34 12.41 23.94
N ASN A 72 30.27 13.19 23.39
CA ASN A 72 31.41 12.67 22.63
C ASN A 72 31.02 11.92 21.37
N ASP A 73 30.05 12.46 20.64
CA ASP A 73 29.76 11.96 19.29
C ASP A 73 30.74 12.58 18.30
N ILE A 74 31.08 11.79 17.28
CA ILE A 74 31.92 12.27 16.18
C ILE A 74 31.04 12.77 15.05
N ILE A 75 31.39 13.93 14.51
CA ILE A 75 30.75 14.43 13.30
C ILE A 75 31.78 14.40 12.18
N GLU A 76 31.39 13.87 11.02
CA GLU A 76 32.32 13.70 9.92
C GLU A 76 32.15 14.82 8.90
N ALA A 77 33.20 15.62 8.70
CA ALA A 77 33.24 16.58 7.59
C ALA A 77 34.01 16.00 6.40
N HIS A 78 33.38 15.98 5.24
CA HIS A 78 34.05 15.61 3.98
C HIS A 78 33.85 16.73 3.00
N ARG A 79 34.71 16.78 1.97
CA ARG A 79 34.53 17.72 0.85
C ARG A 79 33.16 17.45 0.24
N GLU A 80 32.47 18.50 -0.15
CA GLU A 80 31.28 18.35 -0.97
C GLU A 80 31.64 17.79 -2.34
N GLN A 81 31.42 16.50 -2.54
CA GLN A 81 31.62 15.91 -3.85
C GLN A 81 30.55 14.87 -4.15
N ILE A 82 30.80 13.97 -5.09
CA ILE A 82 29.77 13.06 -5.56
C ILE A 82 29.93 11.70 -4.88
N GLY A 83 29.70 11.67 -3.58
CA GLY A 83 29.79 10.43 -2.79
C GLY A 83 31.19 9.84 -2.78
N GLY A 84 31.44 8.97 -1.81
CA GLY A 84 32.74 8.29 -1.68
C GLY A 84 32.83 7.06 -2.57
N MET B 1 24.84 -16.56 49.16
CA MET B 1 24.82 -17.36 47.94
C MET B 1 23.97 -16.64 46.88
N LEU B 2 23.37 -17.40 45.96
CA LEU B 2 22.46 -16.81 44.97
C LEU B 2 21.04 -16.68 45.52
N GLU B 3 20.51 -15.46 45.45
CA GLU B 3 19.17 -15.18 45.90
C GLU B 3 18.63 -14.05 45.04
N ALA B 4 17.87 -14.42 44.01
CA ALA B 4 17.28 -13.45 43.08
C ALA B 4 15.79 -13.43 43.25
N LYS B 5 15.24 -12.27 43.61
CA LYS B 5 13.82 -12.10 43.85
C LYS B 5 13.14 -11.18 42.82
N PHE B 6 12.40 -11.80 41.90
CA PHE B 6 11.45 -11.08 41.07
C PHE B 6 10.22 -10.68 41.86
N GLU B 7 9.82 -9.40 41.74
CA GLU B 7 8.56 -8.90 42.31
C GLU B 7 7.29 -9.62 41.81
N GLU B 8 7.31 -10.11 40.57
CA GLU B 8 6.16 -10.79 40.01
C GLU B 8 6.63 -12.01 39.22
N ALA B 9 6.19 -13.20 39.62
CA ALA B 9 6.56 -14.45 38.94
C ALA B 9 6.27 -14.43 37.41
N SER B 10 5.34 -13.59 37.00
CA SER B 10 4.98 -13.41 35.60
C SER B 10 6.11 -12.77 34.78
N LEU B 11 6.81 -11.80 35.38
CA LEU B 11 8.02 -11.20 34.79
C LEU B 11 9.00 -12.30 34.37
N PHE B 12 9.27 -13.22 35.29
CA PHE B 12 10.09 -14.37 34.99
C PHE B 12 9.48 -15.27 33.94
N LYS B 13 8.17 -15.48 34.02
CA LYS B 13 7.50 -16.35 33.05
C LYS B 13 7.59 -15.78 31.64
N ARG B 14 7.36 -14.47 31.52
CA ARG B 14 7.56 -13.74 30.26
C ARG B 14 8.93 -14.05 29.63
N ILE B 15 10.00 -13.80 30.38
CA ILE B 15 11.32 -14.23 29.95
C ILE B 15 11.33 -15.69 29.45
N ILE B 16 10.88 -16.62 30.29
CA ILE B 16 10.95 -18.05 29.97
C ILE B 16 10.19 -18.37 28.70
N ASP B 17 9.11 -17.62 28.49
CA ASP B 17 8.24 -17.82 27.34
C ASP B 17 8.91 -17.39 26.06
N GLY B 18 9.37 -16.13 26.02
CA GLY B 18 10.24 -15.63 24.95
C GLY B 18 11.20 -16.70 24.49
N PHE B 19 11.99 -17.21 25.42
CA PHE B 19 13.02 -18.19 25.11
C PHE B 19 12.46 -19.48 24.53
N LYS B 20 11.23 -19.80 24.88
CA LYS B 20 10.67 -21.10 24.50
C LYS B 20 10.25 -21.17 23.02
N ASP B 21 10.30 -20.02 22.36
CA ASP B 21 10.05 -19.91 20.93
C ASP B 21 11.29 -20.24 20.11
N CYS B 22 12.46 -20.22 20.74
CA CYS B 22 13.71 -20.43 20.03
C CYS B 22 14.50 -21.61 20.55
N VAL B 23 14.52 -21.79 21.87
CA VAL B 23 15.45 -22.74 22.50
C VAL B 23 14.75 -23.68 23.49
N GLN B 24 15.42 -24.77 23.87
CA GLN B 24 14.95 -25.66 24.94
C GLN B 24 15.65 -25.44 26.28
N LEU B 25 16.92 -25.04 26.21
CA LEU B 25 17.77 -24.91 27.38
C LEU B 25 18.27 -23.48 27.52
N VAL B 26 18.44 -23.00 28.75
CA VAL B 26 19.11 -21.73 28.96
C VAL B 26 20.15 -21.89 30.04
N ASN B 27 21.29 -21.20 29.89
CA ASN B 27 22.24 -21.01 30.97
C ASN B 27 22.05 -19.66 31.60
N PHE B 28 21.86 -19.67 32.91
CA PHE B 28 21.74 -18.45 33.68
C PHE B 28 23.04 -18.15 34.40
N GLN B 29 23.86 -17.32 33.76
CA GLN B 29 25.06 -16.82 34.40
C GLN B 29 24.73 -15.69 35.35
N CYS B 30 24.93 -15.99 36.63
CA CYS B 30 24.62 -15.06 37.68
C CYS B 30 25.92 -14.44 38.12
N LYS B 31 26.01 -13.13 37.95
CA LYS B 31 27.19 -12.37 38.28
C LYS B 31 26.71 -11.41 39.39
N GLU B 32 27.64 -10.64 39.96
CA GLU B 32 27.32 -9.85 41.13
C GLU B 32 26.34 -8.72 40.80
N ASP B 33 26.25 -8.33 39.53
CA ASP B 33 25.45 -7.16 39.17
C ASP B 33 24.23 -7.43 38.26
N GLY B 34 23.92 -8.72 38.07
CA GLY B 34 22.71 -9.14 37.36
C GLY B 34 22.91 -10.51 36.77
N ILE B 35 21.94 -10.96 35.96
CA ILE B 35 22.01 -12.26 35.33
C ILE B 35 22.05 -12.14 33.81
N ILE B 36 22.79 -13.04 33.19
CA ILE B 36 22.90 -13.11 31.76
C ILE B 36 22.43 -14.46 31.28
N ALA B 37 21.20 -14.45 30.79
CA ALA B 37 20.57 -15.63 30.25
C ALA B 37 21.13 -15.92 28.87
N GLN B 38 21.61 -17.13 28.63
CA GLN B 38 22.23 -17.48 27.35
C GLN B 38 21.80 -18.81 26.75
N ALA B 39 21.46 -18.80 25.48
CA ALA B 39 20.95 -20.01 24.86
C ALA B 39 21.39 -20.05 23.43
N VAL B 40 21.51 -21.28 22.91
CA VAL B 40 21.81 -21.53 21.51
C VAL B 40 20.71 -22.42 20.92
N ASP B 41 20.23 -22.05 19.74
CA ASP B 41 19.18 -22.80 19.08
C ASP B 41 19.63 -24.22 18.78
N ASP B 42 18.66 -25.09 18.54
CA ASP B 42 18.87 -26.54 18.40
C ASP B 42 19.76 -26.88 17.22
N SER B 43 19.58 -26.17 16.12
CA SER B 43 20.41 -26.31 14.92
C SER B 43 21.77 -25.58 15.02
N ARG B 44 22.04 -24.95 16.17
CA ARG B 44 23.37 -24.41 16.47
C ARG B 44 23.80 -23.24 15.56
N VAL B 45 22.94 -22.23 15.42
CA VAL B 45 23.09 -21.19 14.40
C VAL B 45 22.75 -19.84 15.03
N LEU B 46 21.84 -19.91 16.00
CA LEU B 46 21.33 -18.71 16.67
C LEU B 46 21.80 -18.69 18.11
N LEU B 47 22.06 -17.50 18.60
CA LEU B 47 22.57 -17.34 19.93
C LEU B 47 21.81 -16.19 20.52
N VAL B 48 21.10 -16.45 21.61
CA VAL B 48 20.36 -15.39 22.26
C VAL B 48 21.00 -15.07 23.61
N SER B 49 20.99 -13.79 23.97
CA SER B 49 21.67 -13.33 25.16
C SER B 49 20.86 -12.21 25.77
N LEU B 50 20.27 -12.52 26.92
CA LEU B 50 19.47 -11.55 27.63
C LEU B 50 20.16 -11.12 28.93
N GLU B 51 20.19 -9.81 29.15
CA GLU B 51 20.88 -9.24 30.29
C GLU B 51 19.84 -8.63 31.21
N ILE B 52 19.45 -9.38 32.23
CA ILE B 52 18.55 -8.82 33.25
C ILE B 52 19.44 -8.09 34.24
N GLY B 53 19.41 -6.77 34.17
CA GLY B 53 20.14 -5.94 35.11
C GLY B 53 19.64 -6.13 36.53
N VAL B 54 20.27 -5.45 37.47
CA VAL B 54 19.96 -5.66 38.88
C VAL B 54 18.64 -5.01 39.30
N GLU B 55 18.40 -3.77 38.88
CA GLU B 55 17.16 -3.04 39.17
C GLU B 55 15.94 -3.72 38.52
N ALA B 56 16.18 -4.70 37.67
CA ALA B 56 15.08 -5.53 37.19
C ALA B 56 14.51 -6.33 38.34
N PHE B 57 15.36 -6.70 39.29
CA PHE B 57 14.97 -7.58 40.39
C PHE B 57 14.44 -6.76 41.53
N GLN B 58 13.74 -7.42 42.44
CA GLN B 58 13.28 -6.75 43.63
C GLN B 58 14.38 -6.76 44.65
N GLU B 59 15.05 -7.90 44.76
CA GLU B 59 16.20 -8.02 45.62
C GLU B 59 17.15 -9.00 44.95
N TYR B 60 18.40 -8.58 44.77
CA TYR B 60 19.40 -9.46 44.14
C TYR B 60 20.56 -9.69 45.08
N ARG B 61 21.15 -10.88 45.01
CA ARG B 61 22.28 -11.20 45.83
C ARG B 61 22.98 -12.37 45.21
N CYS B 62 24.26 -12.17 44.90
CA CYS B 62 25.08 -13.24 44.34
C CYS B 62 26.47 -13.14 44.93
N ASP B 63 26.80 -14.05 45.82
CA ASP B 63 28.04 -13.99 46.58
C ASP B 63 29.23 -14.51 45.76
N HIS B 64 28.93 -15.13 44.63
CA HIS B 64 29.92 -15.83 43.84
C HIS B 64 29.24 -16.26 42.56
N PRO B 65 29.92 -16.08 41.42
CA PRO B 65 29.36 -16.48 40.15
C PRO B 65 28.97 -17.93 40.12
N VAL B 66 27.71 -18.19 39.78
CA VAL B 66 27.20 -19.52 39.49
C VAL B 66 26.56 -19.57 38.13
N THR B 67 26.62 -20.75 37.53
CA THR B 67 25.93 -21.02 36.31
C THR B 67 24.81 -22.02 36.52
N LEU B 68 23.60 -21.61 36.17
CA LEU B 68 22.43 -22.44 36.35
C LEU B 68 21.94 -22.90 34.99
N GLY B 69 22.27 -24.14 34.64
CA GLY B 69 21.85 -24.73 33.37
C GLY B 69 20.48 -25.38 33.50
N MET B 70 19.46 -24.79 32.86
CA MET B 70 18.08 -25.24 32.99
C MET B 70 17.40 -25.75 31.72
N ASP B 71 16.44 -26.66 31.90
CA ASP B 71 15.56 -27.11 30.83
C ASP B 71 14.21 -26.37 30.83
N LEU B 72 13.92 -25.67 29.75
CA LEU B 72 12.80 -24.76 29.70
C LEU B 72 11.45 -25.44 29.90
N THR B 73 11.36 -26.72 29.56
CA THR B 73 10.17 -27.52 29.88
C THR B 73 9.97 -27.60 31.39
N SER B 74 10.85 -28.33 32.08
CA SER B 74 10.85 -28.39 33.53
C SER B 74 10.42 -27.04 34.13
N LEU B 75 11.17 -26.00 33.79
CA LEU B 75 10.98 -24.69 34.36
C LEU B 75 9.52 -24.21 34.19
N SER B 76 8.98 -24.38 32.99
CA SER B 76 7.59 -24.01 32.70
C SER B 76 6.60 -24.81 33.53
N LYS B 77 6.89 -26.10 33.69
CA LYS B 77 6.11 -26.97 34.53
C LYS B 77 5.98 -26.36 35.95
N ILE B 78 7.11 -26.05 36.57
CA ILE B 78 7.13 -25.44 37.90
C ILE B 78 6.38 -24.12 37.97
N LEU B 79 6.42 -23.36 36.89
CA LEU B 79 5.83 -22.03 36.89
C LEU B 79 4.31 -22.07 36.91
N ARG B 80 3.73 -23.17 36.42
CA ARG B 80 2.29 -23.44 36.49
C ARG B 80 1.76 -23.48 37.94
N CYS B 81 2.35 -24.36 38.76
CA CYS B 81 2.10 -24.43 40.21
C CYS B 81 2.41 -23.14 41.00
N GLY B 82 2.52 -22.00 40.30
CA GLY B 82 2.74 -20.70 40.95
C GLY B 82 1.82 -19.64 40.36
N ASN B 83 1.45 -18.64 41.15
CA ASN B 83 0.57 -17.56 40.67
C ASN B 83 1.35 -16.38 40.13
N ASN B 84 0.96 -15.90 38.95
CA ASN B 84 1.65 -14.77 38.29
C ASN B 84 1.89 -13.57 39.19
N THR B 85 1.10 -13.46 40.25
CA THR B 85 1.16 -12.31 41.13
C THR B 85 2.06 -12.53 42.38
N ASP B 86 2.33 -13.80 42.69
CA ASP B 86 3.34 -14.18 43.71
C ASP B 86 4.71 -13.56 43.41
N THR B 87 5.48 -13.28 44.45
CA THR B 87 6.90 -13.02 44.23
C THR B 87 7.63 -14.34 43.91
N LEU B 88 8.63 -14.29 43.05
CA LEU B 88 9.40 -15.48 42.74
C LEU B 88 10.84 -15.26 43.17
N THR B 89 11.44 -16.30 43.75
CA THR B 89 12.81 -16.21 44.22
C THR B 89 13.60 -17.43 43.81
N LEU B 90 14.72 -17.19 43.13
CA LEU B 90 15.66 -18.24 42.79
C LEU B 90 16.72 -18.30 43.86
N ILE B 91 16.96 -19.52 44.34
CA ILE B 91 17.85 -19.76 45.46
C ILE B 91 18.80 -20.90 45.10
N ALA B 92 20.09 -20.59 45.19
CA ALA B 92 21.15 -21.52 44.84
C ALA B 92 22.34 -21.22 45.73
N ASP B 93 23.16 -22.24 45.99
CA ASP B 93 24.39 -22.01 46.71
C ASP B 93 25.59 -21.93 45.75
N ASN B 94 26.73 -21.52 46.31
CA ASN B 94 27.95 -21.23 45.56
C ASN B 94 28.42 -22.24 44.51
N THR B 95 28.17 -23.53 44.70
CA THR B 95 28.39 -24.51 43.62
C THR B 95 27.19 -25.46 43.50
N PRO B 96 26.12 -24.99 42.86
CA PRO B 96 24.84 -25.70 42.74
C PRO B 96 24.90 -26.99 41.95
N ASP B 97 24.02 -27.92 42.28
CA ASP B 97 23.66 -29.01 41.36
C ASP B 97 22.14 -29.06 41.21
N SER B 98 21.49 -28.04 41.78
CA SER B 98 20.06 -27.96 41.93
C SER B 98 19.65 -26.56 42.40
N ILE B 99 18.50 -26.09 41.95
CA ILE B 99 18.05 -24.75 42.27
C ILE B 99 16.72 -24.87 43.02
N ILE B 100 16.30 -23.80 43.69
CA ILE B 100 15.01 -23.76 44.32
C ILE B 100 14.28 -22.49 43.95
N LEU B 101 13.08 -22.66 43.40
CA LEU B 101 12.20 -21.53 43.15
C LEU B 101 11.24 -21.42 44.31
N LEU B 102 10.99 -20.20 44.75
CA LEU B 102 10.23 -19.97 45.95
C LEU B 102 9.15 -18.92 45.72
N PHE B 103 7.95 -19.40 45.42
CA PHE B 103 6.76 -18.55 45.24
C PHE B 103 6.18 -18.08 46.55
N GLU B 104 5.77 -16.83 46.62
CA GLU B 104 5.30 -16.29 47.88
C GLU B 104 4.14 -15.36 47.76
N ASP B 105 2.95 -15.86 48.11
CA ASP B 105 1.77 -15.00 48.21
C ASP B 105 1.83 -14.18 49.49
N THR B 106 2.03 -12.88 49.35
CA THR B 106 2.23 -12.04 50.51
C THR B 106 0.94 -11.76 51.27
N LYS B 107 -0.16 -11.62 50.52
CA LYS B 107 -1.44 -11.24 51.10
C LYS B 107 -2.17 -12.40 51.82
N LYS B 108 -1.55 -13.57 51.84
CA LYS B 108 -2.12 -14.77 52.45
C LYS B 108 -1.12 -15.53 53.33
N ASP B 109 0.17 -15.24 53.17
CA ASP B 109 1.23 -15.98 53.84
C ASP B 109 1.36 -17.41 53.31
N ARG B 110 1.02 -17.58 52.05
CA ARG B 110 1.32 -18.84 51.39
C ARG B 110 2.79 -18.78 50.95
N ILE B 111 3.48 -19.91 51.07
CA ILE B 111 4.82 -20.08 50.52
C ILE B 111 4.91 -21.43 49.83
N ALA B 112 5.31 -21.43 48.57
CA ALA B 112 5.46 -22.66 47.83
C ALA B 112 6.89 -22.73 47.32
N GLU B 113 7.51 -23.91 47.38
CA GLU B 113 8.87 -24.01 46.93
C GLU B 113 9.21 -25.34 46.30
N TYR B 114 9.69 -25.28 45.06
CA TYR B 114 9.97 -26.49 44.32
C TYR B 114 11.43 -26.50 43.99
N SER B 115 11.99 -27.69 43.86
CA SER B 115 13.37 -27.84 43.50
C SER B 115 13.47 -27.94 41.97
N LEU B 116 14.67 -27.80 41.41
CA LEU B 116 14.89 -28.08 40.00
C LEU B 116 16.33 -28.54 39.84
N LYS B 117 16.53 -29.73 39.28
CA LYS B 117 17.90 -30.22 39.07
C LYS B 117 18.47 -29.47 37.88
N LEU B 118 19.66 -28.92 38.03
CA LEU B 118 20.35 -28.23 36.93
C LEU B 118 20.99 -29.25 36.01
N MET B 119 21.46 -28.81 34.84
CA MET B 119 22.22 -29.69 33.93
C MET B 119 23.37 -28.94 33.25
N ASP B 120 24.15 -29.67 32.46
CA ASP B 120 25.25 -29.10 31.69
C ASP B 120 24.79 -28.71 30.31
N ILE B 121 25.11 -27.48 29.91
CA ILE B 121 24.70 -26.92 28.62
C ILE B 121 25.92 -26.22 28.01
N ASP B 122 26.07 -26.32 26.68
CA ASP B 122 27.23 -25.74 25.96
C ASP B 122 27.19 -24.22 25.64
N ALA B 123 26.02 -23.60 25.79
CA ALA B 123 25.89 -22.12 25.70
C ALA B 123 26.54 -21.42 26.89
N ASP B 124 27.34 -22.19 27.63
CA ASP B 124 28.25 -21.69 28.65
C ASP B 124 29.40 -21.01 27.91
N PHE B 125 29.64 -21.53 26.72
CA PHE B 125 30.65 -21.05 25.81
C PHE B 125 30.06 -19.95 24.92
N LEU B 126 29.67 -18.82 25.53
CA LEU B 126 29.40 -17.58 24.79
C LEU B 126 30.42 -16.52 25.24
N GLY B 127 31.64 -16.66 24.74
CA GLY B 127 32.74 -15.76 25.09
C GLY B 127 33.11 -14.85 23.94
N ILE B 128 32.09 -14.27 23.32
CA ILE B 128 32.27 -13.30 22.25
C ILE B 128 32.70 -11.99 22.89
N GLU B 129 33.78 -11.42 22.38
CA GLU B 129 34.22 -10.08 22.78
C GLU B 129 33.38 -9.03 22.06
N GLU B 130 32.17 -9.46 21.64
CA GLU B 130 31.32 -8.77 20.66
C GLU B 130 31.99 -8.50 19.31
N LEU B 131 33.33 -8.64 19.26
CA LEU B 131 34.10 -8.44 18.02
C LEU B 131 34.01 -6.97 17.62
N GLN B 132 34.20 -6.70 16.32
CA GLN B 132 34.00 -5.34 15.79
C GLN B 132 33.29 -5.37 14.42
N TYR B 133 32.73 -4.22 14.02
CA TYR B 133 31.67 -4.23 13.01
C TYR B 133 31.81 -3.31 11.80
N ASP B 134 31.96 -3.91 10.62
CA ASP B 134 32.00 -3.18 9.36
C ASP B 134 30.91 -2.08 9.32
N SER B 135 29.68 -2.46 9.63
CA SER B 135 28.55 -1.53 9.63
C SER B 135 27.59 -1.76 10.77
N THR B 136 26.81 -0.71 11.04
CA THR B 136 25.93 -0.65 12.19
C THR B 136 24.77 0.26 11.82
N LEU B 137 23.58 -0.33 11.64
CA LEU B 137 22.38 0.48 11.46
C LEU B 137 21.42 0.27 12.61
N SER B 138 20.56 1.25 12.80
CA SER B 138 19.46 1.13 13.73
C SER B 138 18.19 1.76 13.16
N LEU B 139 17.06 1.11 13.42
CA LEU B 139 15.80 1.48 12.83
C LEU B 139 14.64 1.06 13.73
N PRO B 140 13.47 1.72 13.60
CA PRO B 140 12.26 1.27 14.27
C PRO B 140 12.08 -0.23 14.11
N SER B 141 11.87 -0.92 15.23
CA SER B 141 11.90 -2.37 15.25
C SER B 141 10.73 -3.03 14.52
N SER B 142 9.61 -2.33 14.46
CA SER B 142 8.43 -2.85 13.78
C SER B 142 8.57 -2.67 12.28
N GLU B 143 9.12 -1.53 11.87
CA GLU B 143 9.54 -1.30 10.49
C GLU B 143 10.46 -2.45 10.01
N PHE B 144 11.44 -2.82 10.83
CA PHE B 144 12.29 -3.95 10.52
C PHE B 144 11.50 -5.25 10.45
N SER B 145 10.52 -5.37 11.33
CA SER B 145 9.67 -6.55 11.40
C SER B 145 8.82 -6.73 10.14
N LYS B 146 8.26 -5.61 9.68
CA LYS B 146 7.41 -5.54 8.49
C LYS B 146 8.18 -6.06 7.29
N ILE B 147 9.34 -5.44 7.03
CA ILE B 147 10.27 -5.90 6.01
C ILE B 147 10.48 -7.43 6.07
N VAL B 148 10.78 -7.93 7.26
CA VAL B 148 11.15 -9.33 7.39
C VAL B 148 9.96 -10.21 7.05
N ARG B 149 8.77 -9.83 7.50
CA ARG B 149 7.58 -10.64 7.27
C ARG B 149 7.19 -10.72 5.81
N ASP B 150 7.31 -9.58 5.12
CA ASP B 150 7.16 -9.49 3.67
C ASP B 150 8.12 -10.41 2.86
N LEU B 151 9.43 -10.19 2.98
CA LEU B 151 10.39 -10.90 2.13
C LEU B 151 10.56 -12.37 2.52
N SER B 152 10.28 -12.69 3.78
CA SER B 152 10.33 -14.10 4.21
C SER B 152 9.26 -14.91 3.50
N GLN B 153 8.20 -14.23 3.07
CA GLN B 153 7.19 -14.86 2.24
C GLN B 153 7.67 -15.19 0.82
N LEU B 154 8.56 -14.36 0.28
CA LEU B 154 9.13 -14.60 -1.04
C LEU B 154 10.12 -15.76 -1.10
N SER B 155 10.97 -15.90 -0.07
CA SER B 155 12.09 -16.84 -0.11
C SER B 155 12.48 -17.41 1.27
N ASP B 156 13.35 -18.41 1.27
CA ASP B 156 13.90 -18.99 2.50
C ASP B 156 15.13 -18.24 3.02
N SER B 157 15.60 -17.25 2.27
CA SER B 157 16.74 -16.43 2.68
C SER B 157 16.59 -14.99 2.27
N ILE B 158 17.19 -14.11 3.06
CA ILE B 158 17.09 -12.70 2.84
C ILE B 158 18.50 -12.16 2.75
N ASN B 159 18.68 -11.16 1.92
CA ASN B 159 19.98 -10.60 1.77
C ASN B 159 19.98 -9.16 2.19
N ILE B 160 20.88 -8.81 3.11
CA ILE B 160 21.09 -7.42 3.51
C ILE B 160 22.35 -6.91 2.87
N MET B 161 22.33 -5.65 2.45
CA MET B 161 23.45 -5.08 1.76
C MET B 161 23.59 -3.62 2.12
N ILE B 162 24.75 -3.25 2.66
CA ILE B 162 24.96 -1.88 3.11
C ILE B 162 25.97 -1.15 2.24
N THR B 163 25.72 0.14 2.05
CA THR B 163 26.55 0.97 1.21
C THR B 163 26.53 2.34 1.85
N LYS B 164 27.39 3.23 1.40
CA LYS B 164 27.54 4.52 2.06
C LYS B 164 26.18 5.15 2.36
N GLU B 165 25.15 4.90 1.57
CA GLU B 165 23.87 5.53 1.89
C GLU B 165 22.62 4.70 1.63
N THR B 166 22.74 3.40 1.84
CA THR B 166 21.72 2.47 1.38
C THR B 166 21.72 1.19 2.20
N ILE B 167 20.57 0.89 2.79
CA ILE B 167 20.38 -0.46 3.28
C ILE B 167 19.39 -1.11 2.34
N LYS B 168 19.74 -2.28 1.82
CA LYS B 168 18.91 -2.92 0.83
C LYS B 168 18.64 -4.37 1.20
N PHE B 169 17.37 -4.65 1.46
CA PHE B 169 16.93 -6.00 1.81
C PHE B 169 16.34 -6.64 0.55
N VAL B 170 16.67 -7.90 0.29
CA VAL B 170 16.22 -8.55 -0.93
C VAL B 170 15.91 -10.03 -0.71
N ALA B 171 14.86 -10.54 -1.36
CA ALA B 171 14.56 -11.98 -1.43
C ALA B 171 14.05 -12.38 -2.80
N ASP B 172 14.47 -13.56 -3.26
CA ASP B 172 14.16 -14.05 -4.61
C ASP B 172 13.48 -15.39 -4.57
N GLY B 173 12.16 -15.41 -4.74
CA GLY B 173 11.47 -16.69 -4.81
C GLY B 173 11.41 -17.19 -6.22
N ASP B 174 11.18 -18.49 -6.37
CA ASP B 174 10.76 -19.02 -7.66
C ASP B 174 9.24 -18.82 -7.79
N ILE B 175 8.76 -17.77 -7.13
CA ILE B 175 7.37 -17.34 -7.24
C ILE B 175 7.30 -15.81 -7.27
N GLY B 176 8.48 -15.18 -7.18
CA GLY B 176 8.57 -13.74 -7.16
C GLY B 176 9.72 -13.26 -6.32
N SER B 177 10.35 -12.18 -6.77
CA SER B 177 11.32 -11.46 -5.97
C SER B 177 10.58 -10.32 -5.30
N GLY B 178 11.32 -9.59 -4.47
CA GLY B 178 10.89 -8.35 -3.84
C GLY B 178 12.11 -7.76 -3.14
N SER B 179 12.05 -6.47 -2.83
CA SER B 179 13.19 -5.81 -2.19
C SER B 179 12.86 -4.45 -1.63
N VAL B 180 13.49 -4.14 -0.51
CA VAL B 180 13.31 -2.85 0.13
C VAL B 180 14.66 -2.16 0.16
N ILE B 181 14.63 -0.86 -0.09
CA ILE B 181 15.80 -0.03 0.00
C ILE B 181 15.40 1.11 0.92
N ILE B 182 16.14 1.23 2.02
CA ILE B 182 15.95 2.30 3.00
C ILE B 182 17.21 3.16 3.07
N LYS B 183 17.03 4.40 3.52
CA LYS B 183 18.08 5.41 3.48
C LYS B 183 18.13 6.17 4.79
N PRO B 184 19.33 6.43 5.32
CA PRO B 184 19.36 7.10 6.62
C PRO B 184 18.54 8.38 6.57
N PHE B 185 17.69 8.60 7.57
CA PHE B 185 16.91 9.83 7.60
C PHE B 185 16.52 10.18 9.04
N VAL B 186 16.20 11.44 9.27
CA VAL B 186 15.80 11.92 10.58
C VAL B 186 14.59 12.80 10.39
N ASP B 187 13.75 12.91 11.43
CA ASP B 187 12.72 13.93 11.46
C ASP B 187 12.48 14.38 12.89
N MET B 188 12.20 15.67 13.06
CA MET B 188 11.99 16.26 14.39
C MET B 188 10.60 15.93 14.92
N GLU B 189 9.67 15.68 14.01
CA GLU B 189 8.29 15.35 14.36
C GLU B 189 8.20 14.03 15.10
N HIS B 190 9.04 13.06 14.72
CA HIS B 190 9.04 11.70 15.29
C HIS B 190 10.43 11.13 15.35
N PRO B 191 11.29 11.67 16.23
CA PRO B 191 12.72 11.30 16.26
C PRO B 191 12.95 9.79 16.35
N GLU B 192 12.10 9.09 17.08
CA GLU B 192 12.28 7.64 17.31
C GLU B 192 11.94 6.76 16.09
N THR B 193 11.44 7.35 15.00
CA THR B 193 11.21 6.63 13.74
C THR B 193 12.39 6.75 12.78
N SER B 194 13.56 7.08 13.30
CA SER B 194 14.71 7.46 12.49
C SER B 194 15.56 6.28 12.08
N ILE B 195 16.28 6.42 10.96
CA ILE B 195 17.18 5.38 10.49
C ILE B 195 18.60 5.90 10.57
N LYS B 196 19.42 5.21 11.35
CA LYS B 196 20.81 5.61 11.56
C LYS B 196 21.69 4.55 10.93
N LEU B 197 22.68 5.02 10.17
CA LEU B 197 23.65 4.16 9.52
C LEU B 197 25.05 4.64 9.81
N GLU B 198 25.88 3.71 10.28
CA GLU B 198 27.30 3.98 10.43
C GLU B 198 28.03 2.91 9.66
N MET B 199 28.50 3.30 8.48
CA MET B 199 29.24 2.39 7.63
C MET B 199 30.74 2.65 7.69
N ASP B 200 31.53 1.58 7.58
CA ASP B 200 32.97 1.68 7.51
C ASP B 200 33.41 0.72 6.43
N GLN B 201 32.51 -0.16 6.06
CA GLN B 201 32.82 -1.17 5.07
C GLN B 201 31.53 -1.67 4.44
N PRO B 202 31.40 -1.52 3.11
CA PRO B 202 30.25 -2.10 2.44
C PRO B 202 30.10 -3.57 2.82
N VAL B 203 28.89 -3.95 3.24
CA VAL B 203 28.62 -5.32 3.67
C VAL B 203 27.51 -5.94 2.84
N ASP B 204 27.59 -7.25 2.66
CA ASP B 204 26.63 -8.00 1.88
C ASP B 204 26.47 -9.43 2.42
N LEU B 205 25.48 -9.66 3.28
CA LEU B 205 25.25 -10.98 3.83
C LEU B 205 23.85 -11.56 3.56
N THR B 206 23.73 -12.88 3.74
CA THR B 206 22.48 -13.59 3.58
C THR B 206 22.17 -14.47 4.79
N PHE B 207 20.93 -14.38 5.26
CA PHE B 207 20.47 -15.13 6.41
C PHE B 207 19.23 -15.97 6.14
N GLY B 208 19.17 -17.15 6.76
CA GLY B 208 17.93 -17.95 6.82
C GLY B 208 16.78 -17.14 7.40
N ALA B 209 15.65 -17.15 6.71
CA ALA B 209 14.54 -16.27 7.06
C ALA B 209 13.83 -16.71 8.34
N LYS B 210 13.78 -18.03 8.58
CA LYS B 210 13.14 -18.56 9.79
C LYS B 210 13.76 -18.00 11.05
N TYR B 211 15.09 -17.87 11.07
CA TYR B 211 15.80 -17.31 12.20
C TYR B 211 15.46 -15.84 12.33
N LEU B 212 15.41 -15.16 11.20
CA LEU B 212 15.10 -13.74 11.21
C LEU B 212 13.71 -13.55 11.76
N LEU B 213 12.85 -14.55 11.51
CA LEU B 213 11.47 -14.55 11.99
C LEU B 213 11.32 -14.68 13.51
N ASP B 214 12.24 -15.42 14.12
CA ASP B 214 12.40 -15.47 15.58
C ASP B 214 12.93 -14.13 16.09
N ILE B 215 14.15 -13.82 15.68
CA ILE B 215 14.76 -12.55 15.99
C ILE B 215 13.79 -11.36 16.03
N ILE B 216 12.79 -11.31 15.16
CA ILE B 216 11.97 -10.09 15.09
C ILE B 216 10.96 -9.94 16.22
N LYS B 217 10.68 -11.06 16.90
CA LYS B 217 9.79 -11.07 18.04
C LYS B 217 10.29 -10.14 19.16
N GLY B 218 11.55 -9.74 19.09
CA GLY B 218 12.12 -8.83 20.07
C GLY B 218 11.48 -7.45 20.05
N SER B 219 10.62 -7.20 19.07
CA SER B 219 10.20 -5.84 18.79
C SER B 219 9.17 -5.39 19.79
N SER B 220 8.42 -6.35 20.33
CA SER B 220 7.51 -6.14 21.47
C SER B 220 8.22 -5.50 22.65
N LEU B 221 9.49 -5.87 22.84
CA LEU B 221 10.28 -5.41 23.96
C LEU B 221 10.94 -4.05 23.78
N SER B 222 11.20 -3.66 22.53
CA SER B 222 12.02 -2.48 22.27
C SER B 222 11.51 -1.84 21.02
N ASP B 223 11.31 -0.54 21.00
CA ASP B 223 10.82 0.02 19.76
C ASP B 223 11.89 0.33 18.69
N ARG B 224 13.16 0.03 18.99
CA ARG B 224 14.27 0.09 18.02
C ARG B 224 15.12 -1.17 18.01
N VAL B 225 15.77 -1.44 16.89
CA VAL B 225 16.67 -2.58 16.78
C VAL B 225 18.00 -2.08 16.22
N GLY B 226 19.10 -2.64 16.71
CA GLY B 226 20.41 -2.28 16.23
C GLY B 226 20.88 -3.48 15.47
N ILE B 227 21.50 -3.25 14.32
CA ILE B 227 22.03 -4.35 13.54
C ILE B 227 23.47 -4.03 13.25
N ARG B 228 24.32 -5.00 13.49
CA ARG B 228 25.74 -4.84 13.31
C ARG B 228 26.20 -6.03 12.50
N LEU B 229 26.62 -5.78 11.28
CA LEU B 229 27.13 -6.87 10.45
C LEU B 229 28.57 -6.62 10.13
N SER B 230 29.26 -7.71 9.87
CA SER B 230 30.64 -7.65 9.46
C SER B 230 30.89 -8.83 8.54
N SER B 231 31.77 -8.65 7.55
CA SER B 231 32.18 -9.72 6.63
C SER B 231 32.77 -10.89 7.41
N GLU B 232 32.13 -12.05 7.29
CA GLU B 232 32.52 -13.22 8.07
C GLU B 232 32.68 -12.96 9.59
N ALA B 233 31.53 -12.72 10.22
CA ALA B 233 31.30 -12.66 11.66
C ALA B 233 29.78 -12.78 11.78
N PRO B 234 29.31 -13.43 12.84
CA PRO B 234 27.85 -13.45 13.00
C PRO B 234 27.27 -12.04 13.19
N ALA B 235 26.11 -11.80 12.59
CA ALA B 235 25.41 -10.53 12.71
C ALA B 235 24.85 -10.36 14.11
N LEU B 236 24.87 -9.12 14.59
CA LEU B 236 24.27 -8.81 15.86
C LEU B 236 22.97 -8.07 15.66
N PHE B 237 21.91 -8.63 16.24
CA PHE B 237 20.66 -7.89 16.37
C PHE B 237 20.48 -7.68 17.86
N GLN B 238 20.15 -6.46 18.25
CA GLN B 238 19.96 -6.21 19.66
C GLN B 238 18.93 -5.17 19.98
N PHE B 239 18.19 -5.42 21.08
CA PHE B 239 17.11 -4.56 21.54
C PHE B 239 17.36 -4.08 22.97
N ASP B 240 17.30 -2.76 23.18
CA ASP B 240 17.40 -2.16 24.50
C ASP B 240 16.11 -2.38 25.26
N LEU B 241 16.23 -2.98 26.43
CA LEU B 241 15.13 -3.08 27.34
C LEU B 241 15.47 -2.12 28.44
N LYS B 242 14.48 -1.73 29.25
CA LYS B 242 14.72 -0.76 30.33
C LYS B 242 15.82 -1.23 31.28
N SER B 243 15.72 -2.48 31.74
CA SER B 243 16.68 -3.05 32.67
C SER B 243 17.48 -4.18 32.02
N GLY B 244 18.12 -3.87 30.90
CA GLY B 244 18.93 -4.86 30.18
C GLY B 244 19.02 -4.79 28.66
N PHE B 245 19.38 -5.91 28.05
CA PHE B 245 19.74 -6.00 26.65
C PHE B 245 19.45 -7.38 26.08
N LEU B 246 18.72 -7.42 24.99
CA LEU B 246 18.48 -8.67 24.32
C LEU B 246 19.37 -8.66 23.11
N GLN B 247 20.05 -9.77 22.84
CA GLN B 247 20.98 -9.85 21.74
C GLN B 247 20.92 -11.19 21.03
N PHE B 248 20.86 -11.15 19.71
CA PHE B 248 20.94 -12.34 18.89
C PHE B 248 22.22 -12.33 18.10
N PHE B 249 22.83 -13.49 17.94
CA PHE B 249 23.97 -13.61 17.07
C PHE B 249 23.61 -14.66 16.07
N LEU B 250 23.57 -14.25 14.81
CA LEU B 250 23.09 -15.10 13.74
C LEU B 250 24.17 -15.28 12.72
N ALA B 251 24.44 -16.53 12.38
CA ALA B 251 25.41 -16.88 11.33
C ALA B 251 24.82 -16.71 9.93
N PRO B 252 25.55 -16.01 9.05
CA PRO B 252 25.10 -15.89 7.67
C PRO B 252 25.37 -17.20 6.94
N LYS B 253 24.79 -17.38 5.75
CA LYS B 253 25.06 -18.59 4.96
C LYS B 253 26.12 -18.33 3.88
N PHE B 254 27.01 -19.31 3.67
CA PHE B 254 28.09 -19.14 2.67
C PHE B 254 27.74 -19.59 1.25
N ASN B 255 28.40 -18.98 0.26
CA ASN B 255 28.30 -19.36 -1.16
C ASN B 255 29.63 -19.87 -1.72
N SER C 43 24.27 -22.56 1.40
CA SER C 43 24.29 -23.51 2.57
C SER C 43 24.64 -22.78 3.88
N GLN C 44 24.00 -23.21 4.97
CA GLN C 44 24.15 -22.58 6.29
C GLN C 44 25.41 -23.04 7.01
N MET C 45 26.02 -22.14 7.79
CA MET C 45 27.18 -22.50 8.58
C MET C 45 26.90 -22.48 10.09
N ASP C 46 27.71 -23.21 10.85
CA ASP C 46 27.58 -23.32 12.31
C ASP C 46 28.11 -22.07 13.02
N ILE C 47 27.38 -21.60 14.04
CA ILE C 47 27.67 -20.34 14.73
C ILE C 47 29.01 -20.35 15.49
N PHE C 48 29.44 -21.55 15.89
CA PHE C 48 30.67 -21.70 16.66
C PHE C 48 31.89 -21.87 15.76
N SER C 49 31.77 -22.71 14.73
CA SER C 49 32.85 -22.88 13.76
C SER C 49 33.08 -21.58 12.96
N GLN C 50 32.14 -20.65 13.10
CA GLN C 50 32.29 -19.31 12.55
C GLN C 50 32.87 -18.34 13.59
N LEU C 51 32.65 -18.61 14.88
CA LEU C 51 33.30 -17.83 15.95
C LEU C 51 34.73 -18.26 16.15
N SER C 52 35.00 -19.53 15.85
CA SER C 52 36.36 -20.08 15.87
C SER C 52 37.16 -19.54 14.70
N ARG C 53 36.70 -19.83 13.48
CA ARG C 53 37.36 -19.32 12.27
C ARG C 53 37.53 -17.80 12.27
N ALA C 54 36.54 -17.07 12.81
CA ALA C 54 36.58 -15.60 12.88
C ALA C 54 37.66 -15.09 13.82
N LYS C 55 37.68 -15.60 15.04
CA LYS C 55 38.63 -15.14 16.04
C LYS C 55 40.07 -15.58 15.73
N LYS C 56 40.25 -16.81 15.23
CA LYS C 56 41.57 -17.30 14.80
C LYS C 56 41.96 -16.72 13.45
N GLY C 63 45.94 21.08 20.43
CA GLY C 63 44.90 20.38 21.19
C GLY C 63 43.73 21.25 21.61
N GLU C 64 43.32 22.14 20.72
CA GLU C 64 42.25 23.13 20.97
C GLU C 64 40.86 22.56 21.27
N ILE C 65 40.09 23.31 22.06
CA ILE C 65 38.67 23.04 22.26
C ILE C 65 37.87 24.33 22.20
N ILE C 66 36.98 24.41 21.21
CA ILE C 66 36.15 25.61 21.00
C ILE C 66 34.83 25.46 21.73
N VAL C 67 34.33 26.58 22.24
CA VAL C 67 33.14 26.56 23.08
C VAL C 67 32.13 27.60 22.64
N ILE C 68 30.92 27.15 22.36
CA ILE C 68 29.82 28.05 22.04
C ILE C 68 28.61 27.67 22.87
N ASP C 69 28.01 28.65 23.53
CA ASP C 69 26.74 28.41 24.21
C ASP C 69 25.63 29.24 23.56
N PRO D 6 -15.61 29.10 -28.00
CA PRO D 6 -15.74 28.16 -26.86
C PRO D 6 -17.05 28.28 -26.10
N GLU D 7 -16.99 28.96 -24.96
CA GLU D 7 -18.18 29.24 -24.14
C GLU D 7 -19.15 30.17 -24.83
N THR D 8 -18.60 31.09 -25.64
CA THR D 8 -19.34 32.06 -26.45
C THR D 8 -20.75 31.62 -26.94
N HIS D 9 -20.78 30.91 -28.06
CA HIS D 9 -22.02 30.54 -28.73
C HIS D 9 -22.26 29.06 -28.72
N ILE D 10 -22.98 28.61 -29.76
CA ILE D 10 -23.19 27.19 -30.07
C ILE D 10 -23.76 27.08 -31.49
N ASN D 11 -23.52 25.95 -32.14
CA ASN D 11 -24.09 25.65 -33.45
C ASN D 11 -25.04 24.48 -33.36
N LEU D 12 -26.22 24.64 -33.96
CA LEU D 12 -27.22 23.58 -33.91
C LEU D 12 -27.84 23.33 -35.25
N MLY D 13 -28.24 22.07 -35.46
CA MLY D 13 -29.01 21.70 -36.63
CB MLY D 13 -28.41 20.48 -37.31
CG MLY D 13 -29.24 20.15 -38.54
CD MLY D 13 -28.54 19.17 -39.45
CE MLY D 13 -28.40 17.78 -38.84
NZ MLY D 13 -28.33 16.84 -39.95
CH1 MLY D 13 -28.93 15.54 -39.58
CH2 MLY D 13 -26.93 16.67 -40.35
C MLY D 13 -30.44 21.41 -36.25
O MLY D 13 -30.70 20.73 -35.25
N VAL D 14 -31.38 21.96 -37.02
CA VAL D 14 -32.76 21.53 -36.93
C VAL D 14 -33.10 20.79 -38.20
N SER D 15 -33.41 19.51 -38.06
CA SER D 15 -33.81 18.71 -39.22
C SER D 15 -35.26 18.31 -39.10
N ASP D 16 -36.04 18.55 -40.15
CA ASP D 16 -37.41 18.02 -40.21
C ASP D 16 -37.46 16.67 -40.93
N GLY D 17 -36.33 15.97 -40.93
CA GLY D 17 -36.22 14.68 -41.60
C GLY D 17 -35.99 14.82 -43.10
N SER D 18 -36.67 15.78 -43.72
CA SER D 18 -36.49 16.03 -45.14
C SER D 18 -35.39 17.06 -45.36
N SER D 19 -35.58 18.27 -44.84
CA SER D 19 -34.58 19.33 -44.95
C SER D 19 -33.84 19.62 -43.64
N GLU D 20 -32.83 20.49 -43.71
CA GLU D 20 -32.11 20.95 -42.52
C GLU D 20 -31.91 22.46 -42.53
N ILE D 21 -31.52 23.00 -41.39
CA ILE D 21 -31.00 24.36 -41.31
C ILE D 21 -29.97 24.36 -40.20
N PHE D 22 -28.87 25.08 -40.42
CA PHE D 22 -27.88 25.26 -39.36
C PHE D 22 -28.02 26.59 -38.67
N PHE D 23 -27.81 26.58 -37.37
CA PHE D 23 -28.09 27.72 -36.54
C PHE D 23 -26.93 28.01 -35.63
N MLY D 24 -26.65 29.29 -35.46
CA MLY D 24 -25.74 29.77 -34.43
CB MLY D 24 -24.59 30.52 -35.13
CG MLY D 24 -23.35 30.74 -34.26
CD MLY D 24 -22.45 31.77 -34.94
CE MLY D 24 -21.30 32.28 -34.06
NZ MLY D 24 -20.37 33.09 -34.87
CH1 MLY D 24 -18.99 32.58 -34.72
CH2 MLY D 24 -20.43 34.51 -34.49
C MLY D 24 -26.54 30.65 -33.50
O MLY D 24 -27.25 31.55 -33.96
N ILE D 25 -26.46 30.35 -32.20
CA ILE D 25 -27.02 31.23 -31.15
C ILE D 25 -26.20 31.19 -29.85
N MLY D 26 -26.33 32.27 -29.05
CA MLY D 26 -25.76 32.34 -27.70
CB MLY D 26 -26.06 33.73 -27.14
CG MLY D 26 -24.95 34.31 -26.29
CD MLY D 26 -25.36 35.70 -25.78
CE MLY D 26 -24.19 36.52 -25.21
NZ MLY D 26 -23.86 37.71 -26.03
CH1 MLY D 26 -22.83 38.53 -25.35
CH2 MLY D 26 -25.05 38.54 -26.28
C MLY D 26 -26.38 31.29 -26.82
O MLY D 26 -27.60 31.10 -26.86
N MLY D 27 -25.57 30.59 -26.01
CA MLY D 27 -26.07 29.49 -25.16
CB MLY D 27 -24.91 28.87 -24.38
CG MLY D 27 -24.44 27.54 -24.92
CD MLY D 27 -22.93 27.35 -24.70
CE MLY D 27 -22.51 25.89 -24.84
NZ MLY D 27 -21.08 25.71 -24.55
CH1 MLY D 27 -20.34 25.39 -25.78
CH2 MLY D 27 -20.88 24.63 -23.57
C MLY D 27 -27.19 29.88 -24.21
O MLY D 27 -27.84 29.03 -23.61
N THR D 28 -27.42 31.19 -24.12
CA THR D 28 -28.35 31.77 -23.16
C THR D 28 -29.64 32.28 -23.81
N THR D 29 -29.70 32.29 -25.14
CA THR D 29 -30.87 32.80 -25.88
C THR D 29 -32.07 31.83 -25.84
N PRO D 30 -33.29 32.36 -25.63
CA PRO D 30 -34.46 31.51 -25.76
C PRO D 30 -34.58 30.93 -27.18
N LEU D 31 -34.92 29.65 -27.26
CA LEU D 31 -35.03 28.94 -28.52
C LEU D 31 -36.25 29.34 -29.38
N ARG D 32 -37.18 30.07 -28.77
CA ARG D 32 -38.36 30.61 -29.45
C ARG D 32 -38.01 31.10 -30.86
N ARG D 33 -37.06 32.03 -30.96
CA ARG D 33 -36.64 32.59 -32.24
C ARG D 33 -36.19 31.51 -33.20
N LEU D 34 -35.26 30.68 -32.77
CA LEU D 34 -34.74 29.59 -33.57
C LEU D 34 -35.88 28.78 -34.15
N MET D 35 -36.82 28.40 -33.29
CA MET D 35 -37.98 27.62 -33.69
C MET D 35 -38.82 28.36 -34.74
N GLU D 36 -38.97 29.67 -34.57
CA GLU D 36 -39.74 30.48 -35.49
C GLU D 36 -39.04 30.58 -36.83
N ALA D 37 -37.74 30.91 -36.76
CA ALA D 37 -36.85 30.91 -37.92
C ALA D 37 -36.95 29.62 -38.72
N PHE D 38 -36.95 28.48 -38.02
CA PHE D 38 -37.11 27.23 -38.74
C PHE D 38 -38.50 27.08 -39.34
N ALA D 39 -39.52 27.59 -38.67
CA ALA D 39 -40.88 27.39 -39.12
C ALA D 39 -41.19 28.19 -40.38
N MLY D 40 -40.67 29.43 -40.44
CA MLY D 40 -40.99 30.33 -41.55
CB MLY D 40 -40.81 31.80 -41.18
CG MLY D 40 -39.38 32.23 -40.97
CD MLY D 40 -39.29 33.73 -41.16
CE MLY D 40 -39.16 34.44 -39.81
NZ MLY D 40 -38.85 35.87 -40.01
CH1 MLY D 40 -37.40 36.03 -40.26
CH2 MLY D 40 -39.25 36.58 -38.79
C MLY D 40 -40.25 29.91 -42.78
O MLY D 40 -40.82 29.83 -43.86
N ARG D 41 -38.97 29.60 -42.61
CA ARG D 41 -38.18 29.00 -43.67
C ARG D 41 -38.83 27.70 -44.19
N GLN D 42 -39.69 27.07 -43.39
CA GLN D 42 -40.46 25.89 -43.84
C GLN D 42 -41.79 26.27 -44.47
N GLY D 43 -42.28 27.46 -44.15
CA GLY D 43 -43.60 27.89 -44.57
C GLY D 43 -44.65 27.15 -43.80
N MLY D 44 -44.38 26.91 -42.52
CA MLY D 44 -45.32 26.23 -41.63
CB MLY D 44 -44.69 24.96 -41.09
CG MLY D 44 -45.13 23.73 -41.88
CD MLY D 44 -43.93 22.95 -42.36
CE MLY D 44 -44.03 21.43 -42.14
NZ MLY D 44 -42.84 20.78 -42.76
CH1 MLY D 44 -43.20 19.45 -43.31
CH2 MLY D 44 -41.73 20.67 -41.79
C MLY D 44 -45.67 27.14 -40.50
O MLY D 44 -44.97 28.13 -40.23
N GLU D 45 -46.79 26.85 -39.84
CA GLU D 45 -47.21 27.57 -38.64
C GLU D 45 -46.38 27.06 -37.49
N MET D 46 -45.91 27.97 -36.65
CA MET D 46 -45.05 27.60 -35.52
C MET D 46 -45.72 26.50 -34.69
N ASP D 47 -47.02 26.64 -34.49
CA ASP D 47 -47.76 25.73 -33.65
C ASP D 47 -48.17 24.45 -34.36
N SER D 48 -47.74 24.27 -35.61
CA SER D 48 -48.14 23.07 -36.34
C SER D 48 -47.08 21.99 -36.23
N LEU D 49 -45.95 22.33 -35.60
CA LEU D 49 -44.88 21.35 -35.39
C LEU D 49 -44.24 21.39 -34.02
N ARG D 50 -43.81 20.21 -33.56
CA ARG D 50 -43.09 20.09 -32.30
C ARG D 50 -41.61 19.77 -32.47
N PHE D 51 -40.78 20.48 -31.70
CA PHE D 51 -39.33 20.32 -31.71
C PHE D 51 -38.87 19.41 -30.58
N LEU D 52 -38.40 18.22 -30.94
CA LEU D 52 -37.88 17.28 -29.96
C LEU D 52 -36.38 17.39 -29.81
N TYR D 53 -35.93 17.18 -28.58
CA TYR D 53 -34.52 17.09 -28.27
C TYR D 53 -34.30 16.16 -27.09
N ASP D 54 -33.35 15.24 -27.27
CA ASP D 54 -33.06 14.21 -26.29
C ASP D 54 -34.30 13.50 -25.79
N GLY D 55 -35.35 13.52 -26.60
CA GLY D 55 -36.61 12.85 -26.28
C GLY D 55 -37.61 13.75 -25.58
N ILE D 56 -37.15 14.90 -25.09
CA ILE D 56 -38.04 15.87 -24.45
C ILE D 56 -38.64 16.78 -25.54
N ARG D 57 -39.67 17.53 -25.21
CA ARG D 57 -40.33 18.38 -26.19
C ARG D 57 -39.95 19.83 -25.93
N ILE D 58 -38.83 20.24 -26.49
CA ILE D 58 -38.33 21.61 -26.39
C ILE D 58 -39.43 22.65 -26.21
N GLN D 59 -39.23 23.56 -25.27
CA GLN D 59 -40.20 24.59 -24.95
C GLN D 59 -39.61 25.92 -25.33
N ALA D 60 -40.39 26.72 -26.04
CA ALA D 60 -39.96 28.03 -26.55
C ALA D 60 -39.22 28.88 -25.52
N ASP D 61 -39.64 28.73 -24.27
CA ASP D 61 -39.04 29.46 -23.15
C ASP D 61 -37.58 29.11 -22.86
N GLN D 62 -37.24 27.82 -22.95
CA GLN D 62 -35.91 27.33 -22.52
C GLN D 62 -34.77 27.65 -23.49
N THR D 63 -33.55 27.67 -22.96
CA THR D 63 -32.35 27.95 -23.75
C THR D 63 -31.48 26.68 -23.85
N PRO D 64 -30.57 26.64 -24.84
CA PRO D 64 -29.70 25.46 -25.05
C PRO D 64 -28.85 25.10 -23.84
N GLU D 65 -28.38 26.13 -23.14
CA GLU D 65 -27.55 25.97 -21.97
C GLU D 65 -28.19 25.02 -20.98
N ASP D 66 -29.36 25.41 -20.47
CA ASP D 66 -30.05 24.61 -19.45
C ASP D 66 -30.64 23.31 -20.00
N LEU D 67 -30.50 23.12 -21.31
CA LEU D 67 -30.88 21.87 -21.94
C LEU D 67 -29.70 20.92 -22.11
N ASP D 68 -28.50 21.35 -21.71
CA ASP D 68 -27.29 20.52 -21.82
C ASP D 68 -26.88 20.34 -23.27
N MET D 69 -26.96 21.42 -24.03
CA MET D 69 -26.72 21.32 -25.47
C MET D 69 -25.25 21.43 -25.84
N GLU D 70 -24.73 20.37 -26.45
CA GLU D 70 -23.37 20.36 -26.96
C GLU D 70 -23.35 20.76 -28.43
N ASP D 71 -22.27 21.41 -28.84
CA ASP D 71 -22.08 21.89 -30.22
C ASP D 71 -22.42 20.84 -31.26
N ASN D 72 -23.12 21.26 -32.31
CA ASN D 72 -23.61 20.37 -33.35
C ASN D 72 -24.59 19.33 -32.86
N ASP D 73 -25.50 19.73 -31.98
CA ASP D 73 -26.62 18.88 -31.65
C ASP D 73 -27.70 18.99 -32.72
N ILE D 74 -28.42 17.90 -32.94
CA ILE D 74 -29.57 17.88 -33.83
C ILE D 74 -30.85 18.11 -33.03
N ILE D 75 -31.72 18.95 -33.57
CA ILE D 75 -33.05 19.15 -33.01
C ILE D 75 -34.04 18.62 -34.04
N GLU D 76 -35.00 17.82 -33.59
CA GLU D 76 -35.95 17.19 -34.51
C GLU D 76 -37.28 17.92 -34.51
N ALA D 77 -37.66 18.45 -35.68
CA ALA D 77 -39.00 19.01 -35.85
C ALA D 77 -39.91 17.99 -36.52
N HIS D 78 -41.03 17.67 -35.89
CA HIS D 78 -42.07 16.85 -36.52
C HIS D 78 -43.36 17.61 -36.51
N ARG D 79 -44.31 17.22 -37.38
CA ARG D 79 -45.66 17.77 -37.36
C ARG D 79 -46.25 17.50 -35.98
N GLU D 80 -46.97 18.48 -35.45
CA GLU D 80 -47.79 18.25 -34.26
C GLU D 80 -48.89 17.22 -34.53
N GLN D 81 -48.69 16.00 -34.10
CA GLN D 81 -49.73 14.98 -34.21
C GLN D 81 -49.73 14.07 -33.01
N ILE D 82 -50.32 12.90 -33.13
CA ILE D 82 -50.55 12.05 -31.97
C ILE D 82 -49.48 10.97 -31.92
N GLY D 83 -48.25 11.38 -31.67
CA GLY D 83 -47.11 10.46 -31.58
C GLY D 83 -46.83 9.70 -32.87
N GLY D 84 -45.62 9.17 -32.99
CA GLY D 84 -45.22 8.38 -34.16
C GLY D 84 -45.65 6.92 -34.08
N MET E 1 10.34 2.06 -22.09
CA MET E 1 9.35 0.99 -22.02
C MET E 1 8.04 1.49 -21.37
N LEU E 2 7.35 0.61 -20.64
CA LEU E 2 6.18 1.03 -19.86
C LEU E 2 6.60 1.53 -18.48
N GLU E 3 6.11 2.71 -18.11
CA GLU E 3 6.46 3.32 -16.85
C GLU E 3 5.26 4.16 -16.44
N ALA E 4 4.31 3.50 -15.79
CA ALA E 4 3.08 4.17 -15.35
C ALA E 4 3.14 4.44 -13.85
N LYS E 5 2.98 5.72 -13.50
CA LYS E 5 3.13 6.14 -12.12
C LYS E 5 1.91 6.88 -11.57
N PHE E 6 1.18 6.19 -10.69
CA PHE E 6 0.12 6.80 -9.87
C PHE E 6 0.68 7.59 -8.70
N GLU E 7 0.08 8.74 -8.41
CA GLU E 7 0.42 9.54 -7.22
C GLU E 7 0.10 8.87 -5.86
N GLU E 8 -0.93 8.04 -5.82
CA GLU E 8 -1.31 7.33 -4.60
C GLU E 8 -1.62 5.87 -4.92
N ALA E 9 -0.88 4.94 -4.33
CA ALA E 9 -1.14 3.51 -4.52
C ALA E 9 -2.60 3.12 -4.23
N SER E 10 -3.30 3.99 -3.49
CA SER E 10 -4.70 3.80 -3.17
C SER E 10 -5.60 3.95 -4.40
N LEU E 11 -5.28 4.92 -5.26
CA LEU E 11 -5.93 5.11 -6.57
C LEU E 11 -5.92 3.80 -7.36
N PHE E 12 -4.76 3.16 -7.44
CA PHE E 12 -4.67 1.89 -8.14
C PHE E 12 -5.38 0.78 -7.40
N LYS E 13 -5.38 0.86 -6.07
CA LYS E 13 -6.02 -0.16 -5.25
C LYS E 13 -7.53 -0.12 -5.39
N ARG E 14 -8.11 1.08 -5.45
CA ARG E 14 -9.54 1.24 -5.76
C ARG E 14 -9.90 0.50 -7.06
N ILE E 15 -9.26 0.90 -8.16
CA ILE E 15 -9.40 0.18 -9.41
C ILE E 15 -9.38 -1.34 -9.23
N ILE E 16 -8.35 -1.88 -8.58
CA ILE E 16 -8.23 -3.34 -8.42
C ILE E 16 -9.39 -3.92 -7.63
N ASP E 17 -9.82 -3.19 -6.60
CA ASP E 17 -10.91 -3.62 -5.75
C ASP E 17 -12.22 -3.67 -6.52
N GLY E 18 -12.55 -2.57 -7.19
CA GLY E 18 -13.65 -2.55 -8.16
C GLY E 18 -13.70 -3.85 -8.95
N PHE E 19 -12.69 -4.09 -9.77
CA PHE E 19 -12.64 -5.26 -10.63
C PHE E 19 -12.83 -6.57 -9.87
N LYS E 20 -12.53 -6.55 -8.57
CA LYS E 20 -12.49 -7.79 -7.83
C LYS E 20 -13.88 -8.24 -7.37
N ASP E 21 -14.87 -7.38 -7.62
CA ASP E 21 -16.26 -7.70 -7.35
C ASP E 21 -16.93 -8.43 -8.50
N CYS E 22 -16.28 -8.46 -9.67
CA CYS E 22 -16.87 -9.11 -10.85
C CYS E 22 -15.92 -10.12 -11.51
N VAL E 23 -14.63 -9.79 -11.55
CA VAL E 23 -13.68 -10.60 -12.31
C VAL E 23 -12.49 -11.05 -11.47
N GLN E 24 -11.76 -12.07 -11.93
CA GLN E 24 -10.56 -12.56 -11.24
C GLN E 24 -9.27 -12.16 -11.97
N LEU E 25 -9.35 -12.04 -13.29
CA LEU E 25 -8.23 -11.73 -14.16
C LEU E 25 -8.47 -10.40 -14.89
N VAL E 26 -7.42 -9.66 -15.22
CA VAL E 26 -7.58 -8.44 -16.01
C VAL E 26 -6.43 -8.27 -17.00
N ASN E 27 -6.73 -7.88 -18.23
CA ASN E 27 -5.70 -7.38 -19.17
C ASN E 27 -5.59 -5.88 -19.12
N PHE E 28 -4.39 -5.39 -18.86
CA PHE E 28 -4.10 -3.97 -18.91
C PHE E 28 -3.42 -3.64 -20.23
N GLN E 29 -4.21 -3.30 -21.23
CA GLN E 29 -3.70 -2.83 -22.50
C GLN E 29 -3.13 -1.41 -22.36
N CYS E 30 -1.81 -1.31 -22.53
CA CYS E 30 -1.13 -0.06 -22.36
C CYS E 30 -0.83 0.56 -23.69
N LYS E 31 -1.42 1.74 -23.92
CA LYS E 31 -1.27 2.46 -25.16
C LYS E 31 -0.52 3.74 -24.81
N GLU E 32 -0.17 4.51 -25.83
CA GLU E 32 0.66 5.66 -25.65
C GLU E 32 -0.05 6.73 -24.82
N ASP E 33 -1.38 6.72 -24.85
CA ASP E 33 -2.13 7.81 -24.22
C ASP E 33 -3.02 7.39 -23.02
N GLY E 34 -2.84 6.14 -22.56
CA GLY E 34 -3.43 5.69 -21.31
C GLY E 34 -3.57 4.20 -21.27
N ILE E 35 -4.26 3.68 -20.25
CA ILE E 35 -4.44 2.24 -20.14
C ILE E 35 -5.91 1.87 -20.23
N ILE E 36 -6.17 0.74 -20.88
CA ILE E 36 -7.49 0.20 -20.98
C ILE E 36 -7.49 -1.13 -20.29
N ALA E 37 -8.04 -1.12 -19.08
CA ALA E 37 -8.20 -2.33 -18.31
C ALA E 37 -9.43 -3.09 -18.81
N GLN E 38 -9.26 -4.36 -19.15
CA GLN E 38 -10.35 -5.16 -19.68
C GLN E 38 -10.47 -6.54 -19.06
N ALA E 39 -11.71 -6.93 -18.78
CA ALA E 39 -11.95 -8.18 -18.10
C ALA E 39 -13.26 -8.79 -18.54
N VAL E 40 -13.31 -10.12 -18.55
CA VAL E 40 -14.55 -10.85 -18.78
C VAL E 40 -14.89 -11.66 -17.53
N ASP E 41 -16.15 -11.61 -17.11
CA ASP E 41 -16.63 -12.36 -15.96
C ASP E 41 -16.49 -13.86 -16.19
N ASP E 42 -16.51 -14.61 -15.09
CA ASP E 42 -16.25 -16.06 -15.10
C ASP E 42 -17.25 -16.83 -15.94
N SER E 43 -18.53 -16.52 -15.81
CA SER E 43 -19.56 -17.13 -16.64
C SER E 43 -19.57 -16.61 -18.09
N ARG E 44 -18.58 -15.77 -18.43
CA ARG E 44 -18.38 -15.33 -19.80
C ARG E 44 -19.59 -14.60 -20.38
N VAL E 45 -20.10 -13.60 -19.68
CA VAL E 45 -21.38 -12.95 -20.03
C VAL E 45 -21.26 -11.44 -19.89
N LEU E 46 -20.38 -11.03 -18.96
CA LEU E 46 -20.17 -9.62 -18.66
C LEU E 46 -18.77 -9.23 -19.08
N LEU E 47 -18.65 -8.02 -19.61
CA LEU E 47 -17.41 -7.51 -20.09
C LEU E 47 -17.24 -6.12 -19.53
N VAL E 48 -16.14 -5.91 -18.80
CA VAL E 48 -15.90 -4.61 -18.22
C VAL E 48 -14.63 -3.99 -18.81
N SER E 49 -14.70 -2.69 -19.03
CA SER E 49 -13.65 -1.99 -19.70
C SER E 49 -13.49 -0.60 -19.13
N LEU E 50 -12.37 -0.39 -18.46
CA LEU E 50 -12.09 0.87 -17.85
C LEU E 50 -10.95 1.57 -18.61
N GLU E 51 -11.16 2.85 -18.89
CA GLU E 51 -10.18 3.63 -19.61
C GLU E 51 -9.55 4.62 -18.65
N ILE E 52 -8.34 4.34 -18.24
CA ILE E 52 -7.59 5.25 -17.40
C ILE E 52 -6.82 6.19 -18.34
N GLY E 53 -7.29 7.43 -18.41
CA GLY E 53 -6.63 8.47 -19.18
C GLY E 53 -5.22 8.77 -18.68
N VAL E 54 -4.48 9.51 -19.49
CA VAL E 54 -3.08 9.76 -19.19
C VAL E 54 -2.90 10.64 -17.96
N GLU E 55 -3.70 11.70 -17.84
CA GLU E 55 -3.62 12.63 -16.72
C GLU E 55 -4.26 12.07 -15.44
N ALA E 56 -4.78 10.86 -15.53
CA ALA E 56 -5.05 10.08 -14.31
C ALA E 56 -3.72 9.78 -13.61
N PHE E 57 -2.66 9.58 -14.41
CA PHE E 57 -1.36 9.18 -13.88
C PHE E 57 -0.58 10.41 -13.49
N GLN E 58 0.46 10.21 -12.69
CA GLN E 58 1.36 11.29 -12.32
C GLN E 58 2.42 11.42 -13.38
N GLU E 59 2.93 10.28 -13.83
CA GLU E 59 3.83 10.24 -14.96
C GLU E 59 3.44 9.00 -15.74
N TYR E 60 3.24 9.15 -17.05
CA TYR E 60 2.95 8.00 -17.89
C TYR E 60 3.92 7.94 -19.05
N ARG E 61 4.35 6.74 -19.42
CA ARG E 61 5.22 6.58 -20.54
C ARG E 61 5.06 5.18 -21.04
N CYS E 62 4.85 5.05 -22.35
CA CYS E 62 4.66 3.75 -22.96
C CYS E 62 5.23 3.76 -24.36
N ASP E 63 6.45 3.27 -24.50
CA ASP E 63 7.19 3.35 -25.76
C ASP E 63 6.60 2.46 -26.86
N HIS E 64 5.85 1.45 -26.44
CA HIS E 64 5.32 0.45 -27.36
C HIS E 64 4.22 -0.29 -26.65
N PRO E 65 3.06 -0.46 -27.32
CA PRO E 65 1.91 -1.11 -26.73
C PRO E 65 2.23 -2.47 -26.16
N VAL E 66 1.93 -2.65 -24.87
CA VAL E 66 2.04 -3.93 -24.17
C VAL E 66 0.72 -4.36 -23.56
N THR E 67 0.58 -5.67 -23.40
CA THR E 67 -0.55 -6.26 -22.72
C THR E 67 -0.10 -6.97 -21.47
N LEU E 68 -0.50 -6.44 -20.32
CA LEU E 68 -0.14 -7.03 -19.03
C LEU E 68 -1.37 -7.74 -18.50
N GLY E 69 -1.38 -9.06 -18.64
CA GLY E 69 -2.45 -9.90 -18.11
C GLY E 69 -2.15 -10.32 -16.68
N MET E 70 -2.95 -9.85 -15.73
CA MET E 70 -2.71 -10.06 -14.30
C MET E 70 -3.79 -10.84 -13.56
N ASP E 71 -3.37 -11.60 -12.55
CA ASP E 71 -4.31 -12.19 -11.61
C ASP E 71 -4.62 -11.26 -10.44
N LEU E 72 -5.91 -11.01 -10.25
CA LEU E 72 -6.35 -9.97 -9.35
C LEU E 72 -6.02 -10.28 -7.90
N THR E 73 -5.95 -11.57 -7.56
CA THR E 73 -5.49 -12.00 -6.24
C THR E 73 -4.03 -11.61 -5.99
N SER E 74 -3.09 -12.24 -6.70
CA SER E 74 -1.68 -11.88 -6.61
C SER E 74 -1.53 -10.36 -6.46
N LEU E 75 -2.11 -9.63 -7.39
CA LEU E 75 -2.01 -8.19 -7.41
C LEU E 75 -2.43 -7.61 -6.05
N SER E 76 -3.55 -8.08 -5.50
CA SER E 76 -4.07 -7.60 -4.22
C SER E 76 -3.07 -7.88 -3.12
N LYS E 77 -2.46 -9.06 -3.17
CA LYS E 77 -1.44 -9.48 -2.24
C LYS E 77 -0.30 -8.45 -2.15
N ILE E 78 0.33 -8.17 -3.30
CA ILE E 78 1.36 -7.15 -3.40
C ILE E 78 0.93 -5.79 -2.89
N LEU E 79 -0.34 -5.48 -3.03
CA LEU E 79 -0.82 -4.16 -2.69
C LEU E 79 -0.87 -3.95 -1.18
N ARG E 80 -1.01 -5.06 -0.45
CA ARG E 80 -0.91 -5.08 1.02
C ARG E 80 0.47 -4.62 1.53
N CYS E 81 1.53 -5.26 1.04
CA CYS E 81 2.91 -4.87 1.35
C CYS E 81 3.29 -3.46 0.82
N GLY E 82 2.33 -2.55 0.73
CA GLY E 82 2.61 -1.18 0.29
C GLY E 82 1.62 -0.20 0.86
N ASN E 83 2.09 0.95 1.33
CA ASN E 83 1.22 1.94 1.97
C ASN E 83 0.41 2.80 1.01
N ASN E 84 -0.90 2.90 1.24
CA ASN E 84 -1.82 3.69 0.39
C ASN E 84 -1.36 5.09 0.00
N THR E 85 -0.52 5.70 0.83
CA THR E 85 0.02 7.01 0.52
C THR E 85 1.29 6.99 -0.36
N ASP E 86 1.93 5.82 -0.48
CA ASP E 86 3.06 5.63 -1.39
C ASP E 86 2.70 5.94 -2.85
N THR E 87 3.63 6.51 -3.60
CA THR E 87 3.45 6.53 -5.05
C THR E 87 3.71 5.14 -5.61
N LEU E 88 2.86 4.71 -6.55
CA LEU E 88 3.01 3.40 -7.15
C LEU E 88 3.37 3.56 -8.61
N THR E 89 4.27 2.69 -9.08
CA THR E 89 4.72 2.71 -10.45
C THR E 89 4.78 1.32 -11.05
N LEU E 90 4.16 1.16 -12.21
CA LEU E 90 4.27 -0.10 -12.93
C LEU E 90 5.36 0.00 -13.98
N ILE E 91 6.21 -1.01 -13.99
CA ILE E 91 7.37 -1.05 -14.87
C ILE E 91 7.38 -2.35 -15.65
N ALA E 92 7.33 -2.20 -16.97
CA ALA E 92 7.35 -3.33 -17.89
C ALA E 92 8.21 -2.93 -19.07
N ASP E 93 8.81 -3.91 -19.72
CA ASP E 93 9.49 -3.64 -20.98
C ASP E 93 8.60 -3.98 -22.18
N ASN E 94 9.11 -3.69 -23.38
CA ASN E 94 8.33 -3.78 -24.61
C ASN E 94 7.64 -5.10 -24.89
N THR E 95 8.26 -6.23 -24.54
CA THR E 95 7.58 -7.52 -24.59
C THR E 95 7.74 -8.31 -23.29
N PRO E 96 6.98 -7.92 -22.24
CA PRO E 96 7.16 -8.47 -20.89
C PRO E 96 6.60 -9.87 -20.71
N ASP E 97 7.21 -10.63 -19.81
CA ASP E 97 6.61 -11.86 -19.26
C ASP E 97 6.40 -11.72 -17.75
N SER E 98 6.60 -10.51 -17.26
CA SER E 98 6.56 -10.17 -15.84
C SER E 98 6.60 -8.64 -15.63
N ILE E 99 6.01 -8.16 -14.55
CA ILE E 99 5.91 -6.74 -14.29
C ILE E 99 6.61 -6.44 -12.96
N ILE E 100 6.88 -5.17 -12.69
CA ILE E 100 7.36 -4.75 -11.40
C ILE E 100 6.54 -3.60 -10.92
N LEU E 101 6.03 -3.73 -9.70
CA LEU E 101 5.39 -2.61 -9.02
C LEU E 101 6.39 -1.97 -8.06
N LEU E 102 6.49 -0.66 -8.12
CA LEU E 102 7.46 0.05 -7.34
C LEU E 102 6.81 1.07 -6.42
N PHE E 103 6.69 0.67 -5.16
CA PHE E 103 6.19 1.53 -4.09
C PHE E 103 7.26 2.47 -3.58
N GLU E 104 6.88 3.71 -3.28
CA GLU E 104 7.86 4.69 -2.87
C GLU E 104 7.39 5.74 -1.89
N ASP E 105 7.80 5.59 -0.64
CA ASP E 105 7.59 6.63 0.36
C ASP E 105 8.62 7.72 0.16
N THR E 106 8.19 8.89 -0.31
CA THR E 106 9.12 9.95 -0.66
C THR E 106 9.59 10.69 0.57
N LYS E 107 8.73 10.72 1.57
CA LYS E 107 9.03 11.39 2.84
C LYS E 107 10.10 10.66 3.67
N LYS E 108 10.32 9.38 3.40
CA LYS E 108 11.33 8.58 4.10
C LYS E 108 12.50 8.15 3.22
N ASP E 109 12.28 8.12 1.91
CA ASP E 109 13.24 7.54 0.97
C ASP E 109 13.20 6.04 1.08
N ARG E 110 12.04 5.51 1.41
CA ARG E 110 11.87 4.10 1.38
C ARG E 110 11.46 3.79 -0.06
N ILE E 111 11.95 2.66 -0.58
CA ILE E 111 11.49 2.15 -1.86
C ILE E 111 11.31 0.66 -1.71
N ALA E 112 10.13 0.18 -2.08
CA ALA E 112 9.85 -1.23 -2.05
C ALA E 112 9.46 -1.60 -3.45
N GLU E 113 9.87 -2.78 -3.91
CA GLU E 113 9.56 -3.20 -5.25
C GLU E 113 9.38 -4.68 -5.39
N TYR E 114 8.21 -5.10 -5.86
CA TYR E 114 7.92 -6.53 -6.00
C TYR E 114 7.65 -6.82 -7.44
N SER E 115 7.97 -8.04 -7.84
CA SER E 115 7.71 -8.53 -9.17
C SER E 115 6.31 -9.18 -9.25
N LEU E 116 5.85 -9.47 -10.46
CA LEU E 116 4.61 -10.20 -10.65
C LEU E 116 4.69 -10.85 -12.02
N LYS E 117 4.58 -12.17 -12.08
CA LYS E 117 4.58 -12.86 -13.36
C LYS E 117 3.23 -12.61 -14.03
N LEU E 118 3.26 -12.29 -15.32
CA LEU E 118 2.04 -12.03 -16.09
C LEU E 118 1.46 -13.35 -16.56
N MET E 119 0.23 -13.32 -17.08
CA MET E 119 -0.36 -14.50 -17.71
C MET E 119 -1.20 -14.19 -18.95
N ASP E 120 -1.72 -15.25 -19.57
CA ASP E 120 -2.55 -15.12 -20.76
C ASP E 120 -4.02 -15.09 -20.37
N ILE E 121 -4.72 -14.07 -20.87
CA ILE E 121 -6.13 -13.89 -20.59
C ILE E 121 -6.81 -13.60 -21.93
N ASP E 122 -7.95 -14.26 -22.16
CA ASP E 122 -8.72 -14.12 -23.42
C ASP E 122 -9.48 -12.78 -23.60
N ALA E 123 -9.71 -12.05 -22.51
CA ALA E 123 -10.30 -10.69 -22.56
C ALA E 123 -9.37 -9.70 -23.29
N ASP E 124 -8.37 -10.27 -23.97
CA ASP E 124 -7.56 -9.56 -24.95
C ASP E 124 -8.53 -9.26 -26.07
N PHE E 125 -9.35 -10.27 -26.36
CA PHE E 125 -10.37 -10.27 -27.40
C PHE E 125 -11.59 -9.43 -26.97
N LEU E 126 -11.38 -8.13 -26.73
CA LEU E 126 -12.50 -7.17 -26.69
C LEU E 126 -12.29 -6.17 -27.81
N GLY E 127 -12.67 -6.57 -29.02
CA GLY E 127 -12.50 -5.75 -30.22
C GLY E 127 -13.80 -5.16 -30.72
N ILE E 128 -14.74 -4.90 -29.81
CA ILE E 128 -16.00 -4.28 -30.15
C ILE E 128 -15.72 -2.92 -30.79
N GLU E 129 -16.28 -2.71 -31.98
CA GLU E 129 -16.27 -1.40 -32.60
C GLU E 129 -17.42 -0.57 -32.02
N GLU E 130 -17.79 -0.88 -30.77
CA GLU E 130 -18.98 -0.35 -30.08
C GLU E 130 -20.24 -0.35 -30.96
N LEU E 131 -20.25 -1.23 -31.96
CA LEU E 131 -21.43 -1.49 -32.78
C LEU E 131 -22.22 -0.20 -33.05
N GLN E 132 -23.55 -0.33 -33.10
CA GLN E 132 -24.44 0.83 -33.16
C GLN E 132 -25.78 0.46 -32.50
N TYR E 133 -26.51 1.49 -32.07
CA TYR E 133 -27.53 1.30 -31.03
C TYR E 133 -28.91 1.85 -31.34
N ASP E 134 -29.90 0.95 -31.40
CA ASP E 134 -31.31 1.35 -31.62
C ASP E 134 -31.68 2.52 -30.70
N SER E 135 -31.39 2.36 -29.41
CA SER E 135 -31.78 3.34 -28.42
C SER E 135 -30.69 3.62 -27.44
N THR E 136 -30.76 4.83 -26.87
CA THR E 136 -29.73 5.36 -26.02
C THR E 136 -30.36 6.29 -25.00
N LEU E 137 -30.47 5.82 -23.75
CA LEU E 137 -30.90 6.70 -22.66
C LEU E 137 -29.80 6.97 -21.67
N SER E 138 -29.88 8.12 -21.02
CA SER E 138 -29.10 8.38 -19.83
C SER E 138 -30.01 8.90 -18.72
N LEU E 139 -29.55 8.76 -17.49
CA LEU E 139 -30.33 9.08 -16.27
C LEU E 139 -29.40 9.05 -15.04
N PRO E 140 -29.75 9.81 -13.97
CA PRO E 140 -28.95 9.76 -12.74
C PRO E 140 -28.69 8.32 -12.32
N SER E 141 -27.47 8.03 -11.90
CA SER E 141 -27.07 6.63 -11.77
C SER E 141 -27.63 5.96 -10.53
N SER E 142 -27.89 6.76 -9.50
CA SER E 142 -28.50 6.27 -8.27
C SER E 142 -29.96 5.88 -8.53
N GLU E 143 -30.67 6.71 -9.28
CA GLU E 143 -32.02 6.43 -9.75
C GLU E 143 -32.03 5.07 -10.45
N PHE E 144 -31.12 4.89 -11.41
CA PHE E 144 -30.98 3.58 -12.07
C PHE E 144 -30.71 2.47 -11.06
N SER E 145 -29.87 2.77 -10.08
CA SER E 145 -29.49 1.83 -9.04
C SER E 145 -30.67 1.41 -8.18
N LYS E 146 -31.51 2.40 -7.83
CA LYS E 146 -32.70 2.18 -7.01
C LYS E 146 -33.63 1.18 -7.70
N ILE E 147 -34.05 1.53 -8.92
CA ILE E 147 -34.83 0.63 -9.76
C ILE E 147 -34.25 -0.80 -9.75
N VAL E 148 -32.95 -0.93 -10.03
CA VAL E 148 -32.35 -2.25 -10.15
C VAL E 148 -32.42 -3.02 -8.83
N ARG E 149 -32.25 -2.30 -7.72
CA ARG E 149 -32.28 -2.94 -6.40
C ARG E 149 -33.67 -3.44 -6.01
N ASP E 150 -34.69 -2.62 -6.25
CA ASP E 150 -36.11 -3.05 -6.11
C ASP E 150 -36.45 -4.28 -6.97
N LEU E 151 -36.46 -4.12 -8.30
CA LEU E 151 -36.93 -5.19 -9.18
C LEU E 151 -36.13 -6.48 -9.04
N SER E 152 -34.85 -6.35 -8.71
CA SER E 152 -33.99 -7.53 -8.52
C SER E 152 -34.49 -8.40 -7.39
N GLN E 153 -35.18 -7.79 -6.44
CA GLN E 153 -35.80 -8.53 -5.36
C GLN E 153 -36.95 -9.40 -5.82
N LEU E 154 -37.78 -8.87 -6.72
CA LEU E 154 -38.92 -9.59 -7.28
C LEU E 154 -38.57 -10.82 -8.11
N SER E 155 -37.49 -10.75 -8.89
CA SER E 155 -37.16 -11.79 -9.88
C SER E 155 -35.67 -11.89 -10.20
N ASP E 156 -35.29 -12.98 -10.86
CA ASP E 156 -33.91 -13.20 -11.30
C ASP E 156 -33.56 -12.48 -12.59
N SER E 157 -34.56 -11.94 -13.28
CA SER E 157 -34.33 -11.23 -14.53
C SER E 157 -35.18 -9.98 -14.67
N ILE E 158 -34.67 -9.00 -15.40
CA ILE E 158 -35.32 -7.70 -15.47
C ILE E 158 -35.43 -7.33 -16.91
N ASN E 159 -36.58 -6.77 -17.27
CA ASN E 159 -36.87 -6.45 -18.63
C ASN E 159 -36.90 -4.95 -18.82
N ILE E 160 -36.19 -4.49 -19.85
CA ILE E 160 -36.20 -3.09 -20.25
C ILE E 160 -36.89 -2.96 -21.60
N MET E 161 -37.65 -1.89 -21.75
CA MET E 161 -38.44 -1.71 -22.94
C MET E 161 -38.50 -0.23 -23.26
N ILE E 162 -37.99 0.11 -24.45
CA ILE E 162 -37.96 1.49 -24.85
C ILE E 162 -38.95 1.73 -25.97
N THR E 163 -39.71 2.79 -25.83
CA THR E 163 -40.68 3.18 -26.82
C THR E 163 -40.47 4.66 -27.05
N LYS E 164 -41.12 5.22 -28.06
CA LYS E 164 -40.82 6.58 -28.47
C LYS E 164 -40.77 7.53 -27.27
N GLU E 165 -41.48 7.24 -26.18
CA GLU E 165 -41.44 8.20 -25.08
C GLU E 165 -41.50 7.63 -23.68
N THR E 166 -40.87 6.48 -23.50
CA THR E 166 -41.12 5.68 -22.32
C THR E 166 -40.06 4.62 -22.14
N ILE E 167 -39.47 4.59 -20.94
CA ILE E 167 -38.66 3.44 -20.57
C ILE E 167 -39.38 2.66 -19.48
N LYS E 168 -39.48 1.36 -19.66
CA LYS E 168 -40.23 0.55 -18.74
C LYS E 168 -39.37 -0.60 -18.28
N PHE E 169 -39.18 -0.70 -16.97
CA PHE E 169 -38.45 -1.80 -16.34
C PHE E 169 -39.48 -2.68 -15.65
N VAL E 170 -39.32 -4.00 -15.73
CA VAL E 170 -40.31 -4.93 -15.23
C VAL E 170 -39.67 -6.20 -14.68
N ALA E 171 -40.22 -6.71 -13.57
CA ALA E 171 -39.83 -8.01 -13.02
C ALA E 171 -41.05 -8.82 -12.62
N ASP E 172 -41.07 -10.10 -12.96
CA ASP E 172 -42.19 -10.98 -12.63
C ASP E 172 -41.72 -12.06 -11.68
N GLY E 173 -42.01 -11.89 -10.41
CA GLY E 173 -41.65 -12.90 -9.43
C GLY E 173 -42.82 -13.85 -9.18
N ASP E 174 -42.49 -15.09 -8.88
CA ASP E 174 -43.51 -16.02 -8.42
C ASP E 174 -43.85 -15.73 -6.93
N ILE E 175 -43.51 -14.53 -6.47
CA ILE E 175 -43.93 -14.06 -5.16
C ILE E 175 -44.46 -12.64 -5.29
N GLY E 176 -44.37 -12.08 -6.49
CA GLY E 176 -44.84 -10.71 -6.74
C GLY E 176 -44.16 -10.09 -7.95
N SER E 177 -44.88 -9.18 -8.61
CA SER E 177 -44.35 -8.46 -9.74
C SER E 177 -44.16 -7.01 -9.33
N GLY E 178 -43.63 -6.22 -10.25
CA GLY E 178 -43.44 -4.79 -10.03
C GLY E 178 -42.85 -4.23 -11.31
N SER E 179 -42.96 -2.91 -11.50
CA SER E 179 -42.47 -2.25 -12.69
C SER E 179 -42.38 -0.74 -12.59
N VAL E 180 -41.38 -0.17 -13.25
CA VAL E 180 -41.17 1.26 -13.23
C VAL E 180 -41.27 1.79 -14.65
N ILE E 181 -41.87 2.96 -14.79
CA ILE E 181 -41.97 3.61 -16.08
C ILE E 181 -41.47 5.01 -15.89
N ILE E 182 -40.39 5.32 -16.60
CA ILE E 182 -39.85 6.69 -16.66
C ILE E 182 -39.99 7.29 -18.05
N LYS E 183 -40.02 8.62 -18.09
CA LYS E 183 -40.24 9.37 -19.32
C LYS E 183 -39.21 10.49 -19.45
N PRO E 184 -38.73 10.77 -20.68
CA PRO E 184 -37.68 11.80 -20.76
C PRO E 184 -38.17 13.11 -20.17
N PHE E 185 -37.40 13.70 -19.26
CA PHE E 185 -37.79 14.97 -18.69
C PHE E 185 -36.54 15.78 -18.36
N VAL E 186 -36.70 17.09 -18.28
CA VAL E 186 -35.64 18.00 -17.89
C VAL E 186 -36.18 18.94 -16.83
N ASP E 187 -35.29 19.50 -16.02
CA ASP E 187 -35.62 20.65 -15.20
C ASP E 187 -34.38 21.52 -15.03
N MET E 188 -34.56 22.84 -15.04
CA MET E 188 -33.45 23.78 -14.88
C MET E 188 -33.12 23.99 -13.41
N GLU E 189 -33.99 23.49 -12.54
CA GLU E 189 -33.77 23.50 -11.11
C GLU E 189 -32.59 22.59 -10.73
N HIS E 190 -32.46 21.45 -11.42
CA HIS E 190 -31.38 20.47 -11.18
C HIS E 190 -30.98 19.74 -12.43
N PRO E 191 -30.29 20.42 -13.36
CA PRO E 191 -29.91 19.81 -14.65
C PRO E 191 -29.58 18.31 -14.54
N GLU E 192 -28.64 17.96 -13.67
CA GLU E 192 -28.09 16.59 -13.58
C GLU E 192 -29.03 15.45 -13.13
N THR E 193 -30.29 15.77 -12.81
CA THR E 193 -31.30 14.72 -12.50
C THR E 193 -32.17 14.35 -13.70
N SER E 194 -31.65 14.59 -14.90
CA SER E 194 -32.45 14.55 -16.11
C SER E 194 -32.49 13.17 -16.74
N ILE E 195 -33.58 12.86 -17.44
CA ILE E 195 -33.64 11.62 -18.21
C ILE E 195 -33.67 12.00 -19.66
N LYS E 196 -32.68 11.50 -20.41
CA LYS E 196 -32.57 11.81 -21.83
C LYS E 196 -32.72 10.50 -22.58
N LEU E 197 -33.54 10.54 -23.64
CA LEU E 197 -33.82 9.38 -24.45
C LEU E 197 -33.63 9.71 -25.91
N GLU E 198 -32.84 8.87 -26.59
CA GLU E 198 -32.71 8.97 -28.03
C GLU E 198 -33.08 7.63 -28.61
N MET E 199 -34.27 7.57 -29.21
CA MET E 199 -34.72 6.36 -29.88
C MET E 199 -34.60 6.40 -31.40
N ASP E 200 -34.37 5.24 -32.00
CA ASP E 200 -34.44 5.07 -33.44
C ASP E 200 -35.17 3.76 -33.68
N GLN E 201 -35.33 2.98 -32.63
CA GLN E 201 -35.93 1.67 -32.77
C GLN E 201 -36.46 1.14 -31.42
N PRO E 202 -37.75 0.85 -31.35
CA PRO E 202 -38.28 0.22 -30.15
C PRO E 202 -37.43 -0.97 -29.75
N VAL E 203 -37.02 -1.01 -28.48
CA VAL E 203 -36.26 -2.15 -27.94
C VAL E 203 -36.92 -2.77 -26.73
N ASP E 204 -36.71 -4.07 -26.59
CA ASP E 204 -37.25 -4.85 -25.48
C ASP E 204 -36.27 -6.02 -25.20
N LEU E 205 -35.46 -5.91 -24.15
CA LEU E 205 -34.57 -7.02 -23.76
C LEU E 205 -34.69 -7.45 -22.28
N THR E 206 -34.11 -8.61 -21.97
CA THR E 206 -34.09 -9.13 -20.61
C THR E 206 -32.67 -9.53 -20.21
N PHE E 207 -32.33 -9.18 -18.96
CA PHE E 207 -31.01 -9.35 -18.42
C PHE E 207 -31.07 -10.05 -17.08
N GLY E 208 -30.05 -10.85 -16.78
CA GLY E 208 -29.89 -11.43 -15.43
C GLY E 208 -29.66 -10.30 -14.45
N ALA E 209 -30.38 -10.31 -13.33
CA ALA E 209 -30.32 -9.21 -12.38
C ALA E 209 -29.03 -9.21 -11.60
N LYS E 210 -28.42 -10.39 -11.42
CA LYS E 210 -27.18 -10.49 -10.65
C LYS E 210 -26.07 -9.72 -11.34
N TYR E 211 -26.06 -9.75 -12.67
CA TYR E 211 -25.11 -8.98 -13.47
C TYR E 211 -25.44 -7.52 -13.35
N LEU E 212 -26.73 -7.21 -13.38
CA LEU E 212 -27.15 -5.83 -13.30
C LEU E 212 -26.77 -5.25 -11.96
N LEU E 213 -26.74 -6.12 -10.96
CA LEU E 213 -26.40 -5.74 -9.59
C LEU E 213 -24.92 -5.38 -9.43
N ASP E 214 -24.08 -6.07 -10.20
CA ASP E 214 -22.66 -5.72 -10.36
C ASP E 214 -22.52 -4.35 -11.05
N ILE E 215 -23.11 -4.24 -12.23
CA ILE E 215 -23.07 -3.04 -13.02
C ILE E 215 -23.44 -1.76 -12.26
N ILE E 216 -24.33 -1.84 -11.27
CA ILE E 216 -24.79 -0.60 -10.65
C ILE E 216 -23.76 -0.02 -9.70
N LYS E 217 -22.84 -0.87 -9.25
CA LYS E 217 -21.79 -0.43 -8.35
C LYS E 217 -20.95 0.67 -8.97
N GLY E 218 -21.09 0.86 -10.27
CA GLY E 218 -20.42 1.94 -10.98
C GLY E 218 -20.94 3.31 -10.61
N SER E 219 -22.03 3.36 -9.86
CA SER E 219 -22.73 4.63 -9.65
C SER E 219 -21.96 5.50 -8.70
N SER E 220 -21.16 4.85 -7.84
CA SER E 220 -20.29 5.54 -6.88
C SER E 220 -19.24 6.40 -7.59
N LEU E 221 -18.89 5.98 -8.81
CA LEU E 221 -17.92 6.68 -9.65
C LEU E 221 -18.49 7.82 -10.49
N SER E 222 -19.74 7.72 -10.91
CA SER E 222 -20.29 8.68 -11.86
C SER E 222 -21.72 8.91 -11.49
N ASP E 223 -22.15 10.17 -11.42
CA ASP E 223 -23.51 10.35 -11.00
C ASP E 223 -24.58 10.21 -12.12
N ARG E 224 -24.15 9.89 -13.35
CA ARG E 224 -25.08 9.49 -14.45
C ARG E 224 -24.64 8.18 -15.09
N VAL E 225 -25.55 7.53 -15.78
CA VAL E 225 -25.24 6.31 -16.51
C VAL E 225 -25.83 6.39 -17.92
N GLY E 226 -25.11 5.88 -18.91
CA GLY E 226 -25.61 5.81 -20.25
C GLY E 226 -25.96 4.38 -20.50
N ILE E 227 -27.07 4.15 -21.18
CA ILE E 227 -27.45 2.81 -21.52
C ILE E 227 -27.77 2.81 -22.98
N ARG E 228 -27.25 1.84 -23.70
CA ARG E 228 -27.41 1.74 -25.13
C ARG E 228 -27.75 0.30 -25.39
N LEU E 229 -28.95 0.07 -25.92
CA LEU E 229 -29.38 -1.29 -26.23
C LEU E 229 -29.69 -1.35 -27.68
N SER E 230 -29.53 -2.54 -28.24
CA SER E 230 -30.04 -2.83 -29.57
C SER E 230 -30.45 -4.29 -29.66
N SER E 231 -31.42 -4.60 -30.52
CA SER E 231 -31.89 -5.97 -30.75
C SER E 231 -30.70 -6.87 -31.02
N GLU E 232 -30.60 -7.95 -30.26
CA GLU E 232 -29.46 -8.89 -30.39
C GLU E 232 -28.06 -8.24 -30.61
N ALA E 233 -27.64 -7.47 -29.61
CA ALA E 233 -26.28 -6.98 -29.43
C ALA E 233 -26.14 -6.70 -27.96
N PRO E 234 -25.01 -7.10 -27.36
CA PRO E 234 -24.77 -6.80 -25.96
C PRO E 234 -25.06 -5.32 -25.65
N ALA E 235 -25.79 -5.10 -24.56
CA ALA E 235 -26.14 -3.75 -24.16
C ALA E 235 -24.93 -3.11 -23.53
N LEU E 236 -24.84 -1.81 -23.68
CA LEU E 236 -23.76 -1.06 -23.10
C LEU E 236 -24.26 -0.21 -21.93
N PHE E 237 -23.58 -0.38 -20.79
CA PHE E 237 -23.76 0.52 -19.65
C PHE E 237 -22.45 1.24 -19.48
N GLN E 238 -22.52 2.56 -19.31
CA GLN E 238 -21.28 3.28 -19.11
C GLN E 238 -21.36 4.46 -18.23
N PHE E 239 -20.24 4.75 -17.55
CA PHE E 239 -20.14 5.88 -16.62
C PHE E 239 -18.90 6.72 -16.94
N ASP E 240 -19.11 8.02 -17.09
CA ASP E 240 -18.03 8.99 -17.19
C ASP E 240 -17.29 9.10 -15.89
N LEU E 241 -15.97 9.03 -15.98
CA LEU E 241 -15.12 9.30 -14.87
C LEU E 241 -14.35 10.55 -15.27
N LYS E 242 -13.80 11.29 -14.31
CA LYS E 242 -13.04 12.49 -14.64
C LYS E 242 -11.93 12.18 -15.64
N SER E 243 -11.18 11.12 -15.38
CA SER E 243 -10.02 10.76 -16.20
C SER E 243 -10.23 9.45 -16.95
N GLY E 244 -11.45 9.24 -17.49
CA GLY E 244 -11.75 8.02 -18.22
C GLY E 244 -13.21 7.62 -18.40
N PHE E 245 -13.46 6.31 -18.52
CA PHE E 245 -14.73 5.76 -18.92
C PHE E 245 -14.85 4.32 -18.46
N LEU E 246 -15.86 4.03 -17.67
CA LEU E 246 -16.13 2.65 -17.31
C LEU E 246 -17.25 2.16 -18.19
N GLN E 247 -17.08 0.97 -18.75
CA GLN E 247 -18.04 0.39 -19.66
C GLN E 247 -18.30 -1.07 -19.36
N PHE E 248 -19.57 -1.44 -19.30
CA PHE E 248 -19.98 -2.83 -19.17
C PHE E 248 -20.69 -3.26 -20.43
N PHE E 249 -20.51 -4.51 -20.82
CA PHE E 249 -21.20 -5.05 -21.97
C PHE E 249 -21.85 -6.33 -21.53
N LEU E 250 -23.17 -6.31 -21.53
CA LEU E 250 -23.95 -7.40 -20.98
C LEU E 250 -24.77 -7.99 -22.09
N ALA E 251 -24.71 -9.31 -22.19
CA ALA E 251 -25.55 -10.06 -23.12
C ALA E 251 -26.93 -10.30 -22.55
N PRO E 252 -27.99 -10.01 -23.34
CA PRO E 252 -29.35 -10.30 -22.95
C PRO E 252 -29.58 -11.80 -22.93
N LYS E 253 -30.65 -12.26 -22.28
CA LYS E 253 -31.02 -13.67 -22.34
C LYS E 253 -32.05 -13.92 -23.44
N PHE E 254 -31.96 -15.07 -24.12
CA PHE E 254 -32.89 -15.37 -25.21
C PHE E 254 -34.15 -16.16 -24.78
N ASN E 255 -35.23 -16.00 -25.56
CA ASN E 255 -36.43 -16.83 -25.44
C ASN E 255 -36.69 -17.62 -26.72
N SER F 43 -33.23 -18.53 -21.09
CA SER F 43 -31.81 -19.01 -20.96
C SER F 43 -30.81 -17.94 -21.40
N GLN F 44 -29.68 -17.85 -20.69
CA GLN F 44 -28.64 -16.83 -20.94
C GLN F 44 -27.73 -17.21 -22.11
N MET F 45 -27.27 -16.20 -22.86
CA MET F 45 -26.32 -16.45 -23.93
C MET F 45 -24.92 -15.88 -23.65
N ASP F 46 -23.90 -16.44 -24.32
CA ASP F 46 -22.50 -16.04 -24.17
C ASP F 46 -22.22 -14.71 -24.89
N ILE F 47 -21.47 -13.83 -24.22
CA ILE F 47 -21.20 -12.47 -24.71
C ILE F 47 -20.41 -12.43 -26.02
N PHE F 48 -19.61 -13.47 -26.25
CA PHE F 48 -18.75 -13.55 -27.43
C PHE F 48 -19.47 -14.18 -28.62
N SER F 49 -20.17 -15.29 -28.39
CA SER F 49 -20.97 -15.93 -29.43
C SER F 49 -22.13 -15.03 -29.87
N GLN F 50 -22.36 -13.97 -29.10
CA GLN F 50 -23.32 -12.94 -29.47
C GLN F 50 -22.63 -11.77 -30.19
N LEU F 51 -21.34 -11.55 -29.93
CA LEU F 51 -20.55 -10.57 -30.67
C LEU F 51 -20.12 -11.13 -32.03
N SER F 52 -19.96 -12.45 -32.07
CA SER F 52 -19.69 -13.15 -33.32
C SER F 52 -20.93 -13.15 -34.20
N ARG F 53 -22.00 -13.79 -33.73
CA ARG F 53 -23.27 -13.81 -34.46
C ARG F 53 -23.79 -12.43 -34.87
N ALA F 54 -23.55 -11.42 -34.03
CA ALA F 54 -23.98 -10.04 -34.30
C ALA F 54 -23.21 -9.41 -35.44
N LYS F 55 -21.88 -9.48 -35.37
CA LYS F 55 -21.03 -8.85 -36.39
C LYS F 55 -21.08 -9.60 -37.74
N LYS F 56 -21.13 -10.93 -37.71
CA LYS F 56 -21.28 -11.74 -38.93
C LYS F 56 -22.73 -11.72 -39.41
N GLY F 63 -27.34 25.34 -48.84
CA GLY F 63 -26.60 25.02 -47.63
C GLY F 63 -26.51 26.19 -46.67
N GLU F 64 -27.65 26.81 -46.40
CA GLU F 64 -27.74 28.01 -45.56
C GLU F 64 -27.37 27.80 -44.09
N ILE F 65 -27.04 28.90 -43.42
CA ILE F 65 -26.77 28.89 -42.00
C ILE F 65 -27.31 30.18 -41.39
N ILE F 66 -28.33 30.06 -40.54
CA ILE F 66 -28.93 31.23 -39.90
C ILE F 66 -28.28 31.52 -38.55
N VAL F 67 -28.11 32.81 -38.27
CA VAL F 67 -27.47 33.24 -37.04
C VAL F 67 -28.40 34.14 -36.24
N ILE F 68 -28.50 33.87 -34.95
CA ILE F 68 -29.22 34.76 -34.03
C ILE F 68 -28.38 35.01 -32.78
N ASP F 69 -28.27 36.27 -32.41
CA ASP F 69 -27.63 36.62 -31.15
C ASP F 69 -28.54 37.57 -30.39
N1 NEQ G . 13.50 -14.54 22.38
O1 NEQ G . 11.73 -13.23 21.92
O2 NEQ G . 15.03 -16.23 22.32
C1 NEQ G . 12.41 -14.22 21.70
C2 NEQ G . 12.11 -15.19 20.59
C3 NEQ G . 13.23 -16.22 20.72
C4 NEQ G . 14.03 -15.67 21.89
C5 NEQ G . 14.03 -13.75 23.50
C6 NEQ G . 14.00 -14.48 24.84
N1 NEQ H . 5.21 -30.25 39.15
O1 NEQ H . 4.42 -31.38 37.34
O2 NEQ H . 5.42 -28.72 40.83
C1 NEQ H . 4.35 -30.48 38.17
C2 NEQ H . 3.22 -29.47 38.15
C3 NEQ H . 3.57 -28.56 39.33
C4 NEQ H . 4.84 -29.18 39.85
C5 NEQ H . 6.40 -31.04 39.42
C6 NEQ H . 7.61 -30.41 38.75
S SO4 I . 19.69 4.39 18.24
O1 SO4 I . 18.65 3.38 18.25
O2 SO4 I . 19.67 5.10 19.51
O3 SO4 I . 19.46 5.35 17.15
O4 SO4 I . 20.99 3.74 18.04
S SO4 J . 1.38 -5.24 8.60
O1 SO4 J . 1.30 -5.86 7.28
O2 SO4 J . 0.50 -4.06 8.65
O3 SO4 J . 2.75 -4.82 8.85
O4 SO4 J . 0.96 -6.21 9.61
N1 NEQ K . -16.35 -2.82 -11.40
O1 NEQ K . -17.51 -1.46 -10.01
O2 NEQ K . -15.59 -4.68 -12.50
C1 NEQ K . -17.28 -2.56 -10.48
C2 NEQ K . -18.07 -3.80 -10.09
C3 NEQ K . -17.47 -4.87 -10.98
C4 NEQ K . -16.39 -4.11 -11.73
C5 NEQ K . -15.51 -1.75 -11.95
C6 NEQ K . -14.04 -2.06 -12.09
N1 NEQ L . 3.96 -11.17 -0.65
O1 NEQ L . 2.28 -12.57 0.00
O2 NEQ L . 5.28 -9.33 -0.87
C1 NEQ L . 2.85 -11.48 0.02
C2 NEQ L . 2.35 -10.33 0.87
C3 NEQ L . 3.37 -9.23 0.55
C4 NEQ L . 4.32 -9.91 -0.40
C5 NEQ L . 4.65 -12.09 -1.55
C6 NEQ L . 3.88 -12.24 -2.84
S SO4 M . -25.60 12.81 -20.18
O1 SO4 M . -25.51 11.57 -19.42
O2 SO4 M . -25.55 13.95 -19.28
O3 SO4 M . -26.86 12.84 -20.92
O4 SO4 M . -24.46 12.87 -21.09
S SO4 N . -33.05 2.86 -0.95
O1 SO4 N . -33.04 3.52 -2.25
O2 SO4 N . -33.95 3.59 -0.06
O3 SO4 N . -31.71 2.83 -0.38
O4 SO4 N . -33.52 1.48 -1.12
#